data_9M58
#
_entry.id   9M58
#
_cell.length_a   83.067
_cell.length_b   83.067
_cell.length_c   119.525
_cell.angle_alpha   90.00
_cell.angle_beta   90.00
_cell.angle_gamma   90.00
#
_symmetry.space_group_name_H-M   'P 43'
#
loop_
_entity.id
_entity.type
_entity.pdbx_description
1 polymer 'Superoxide dismutase (SodC), Cu-Zn family'
2 non-polymer 'COPPER (II) ION'
3 non-polymer GLYCEROL
4 water water
#
_entity_poly.entity_id   1
_entity_poly.type   'polypeptide(L)'
_entity_poly.pdbx_seq_one_letter_code
;GPATPLSATAALRDGAGQVVGSARFVQQGAGVQVTVDVRGLTPGMHGMHVHEFGRCTPGVDPAVNKVVPFGAAGGHFDPS
MSRNHDTPQTDNKHGHGGDTPMLSVGADGVGKASFTSTKISLTGENGILNRSLVIHANPDDYKTDPAGMSGARERCGVIV
RDGLSVRDYALPGPVDHPEGVAYDAKKGLIYTGSAQNGTIYAINAQSGAVTKFQEGGAYGRQVALGLKVDPQGRLWIAGG
AQGTVSILTPDGMTLAVLETPKSPRPYINDLVLAPDGNFYVTDSSRPVIFRVDKALKLTAWLDLAGTPIKYGPGVNLNGI
AATPDGKYLLAVQLNTGELWRIDLKTKAVKKVMDGLVNGDGLLLDGRTLYVARNKDQVVAKVSLSADYGSGQLVAQEPLN
GLRFPATLAKVGNDLVVTQAQLDRIGGTPETPFKLTRFAKF
;
_entity_poly.pdbx_strand_id   A,B
#
loop_
_chem_comp.id
_chem_comp.type
_chem_comp.name
_chem_comp.formula
CU non-polymer 'COPPER (II) ION' 'Cu 2'
GOL non-polymer GLYCEROL 'C3 H8 O3'
#
# COMPACT_ATOMS: atom_id res chain seq x y z
N THR A 4 -12.39 -16.01 22.21
CA THR A 4 -12.59 -17.46 22.25
C THR A 4 -11.33 -18.19 21.77
N PRO A 5 -10.76 -19.03 22.64
CA PRO A 5 -9.51 -19.71 22.27
C PRO A 5 -9.72 -20.77 21.20
N LEU A 6 -8.63 -21.10 20.57
CA LEU A 6 -8.59 -22.13 19.54
C LEU A 6 -8.35 -23.47 20.23
N SER A 7 -9.32 -24.39 20.15
CA SER A 7 -9.13 -25.66 20.84
C SER A 7 -9.76 -26.78 20.01
N ALA A 8 -9.39 -28.00 20.36
CA ALA A 8 -9.86 -29.17 19.64
C ALA A 8 -9.96 -30.34 20.60
N THR A 9 -10.79 -31.31 20.25
CA THR A 9 -11.02 -32.49 21.08
C THR A 9 -10.91 -33.71 20.18
N ALA A 10 -10.32 -34.79 20.70
CA ALA A 10 -10.29 -36.06 19.99
C ALA A 10 -10.89 -37.13 20.90
N ALA A 11 -12.01 -37.71 20.49
CA ALA A 11 -12.58 -38.84 21.21
C ALA A 11 -11.81 -40.10 20.82
N LEU A 12 -11.14 -40.71 21.78
CA LEU A 12 -10.21 -41.80 21.51
C LEU A 12 -10.99 -43.12 21.49
N ARG A 13 -10.91 -43.84 20.38
CA ARG A 13 -11.65 -45.08 20.21
C ARG A 13 -10.71 -46.28 20.23
N ASP A 14 -11.27 -47.41 20.64
CA ASP A 14 -10.52 -48.66 20.52
C ASP A 14 -10.90 -49.35 19.21
N GLY A 15 -10.34 -50.53 18.99
CA GLY A 15 -10.56 -51.23 17.73
C GLY A 15 -12.01 -51.61 17.50
N ALA A 16 -12.76 -51.86 18.57
CA ALA A 16 -14.17 -52.17 18.45
C ALA A 16 -15.04 -50.95 18.17
N GLY A 17 -14.46 -49.76 18.13
CA GLY A 17 -15.20 -48.54 17.89
C GLY A 17 -15.79 -47.88 19.13
N GLN A 18 -15.49 -48.40 20.33
CA GLN A 18 -15.99 -47.75 21.55
C GLN A 18 -15.10 -46.58 21.95
N VAL A 19 -15.73 -45.48 22.37
CA VAL A 19 -14.98 -44.33 22.84
C VAL A 19 -14.51 -44.58 24.27
N VAL A 20 -13.20 -44.63 24.47
CA VAL A 20 -12.66 -45.00 25.78
C VAL A 20 -11.76 -43.91 26.36
N GLY A 21 -11.82 -42.71 25.81
CA GLY A 21 -11.00 -41.64 26.34
C GLY A 21 -11.15 -40.40 25.51
N SER A 22 -10.34 -39.39 25.84
CA SER A 22 -10.46 -38.10 25.21
C SER A 22 -9.12 -37.39 25.31
N ALA A 23 -8.76 -36.68 24.25
CA ALA A 23 -7.60 -35.80 24.25
C ALA A 23 -8.10 -34.40 23.94
N ARG A 24 -7.61 -33.41 24.68
CA ARG A 24 -8.04 -32.03 24.53
C ARG A 24 -6.80 -31.20 24.17
N PHE A 25 -6.94 -30.31 23.18
CA PHE A 25 -5.82 -29.49 22.71
C PHE A 25 -6.23 -28.04 22.82
N VAL A 26 -5.39 -27.21 23.44
CA VAL A 26 -5.71 -25.79 23.54
C VAL A 26 -4.51 -24.99 23.05
N GLN A 27 -4.72 -24.13 22.04
CA GLN A 27 -3.62 -23.33 21.56
C GLN A 27 -3.28 -22.27 22.60
N GLN A 28 -2.00 -22.19 22.98
CA GLN A 28 -1.51 -21.14 23.89
C GLN A 28 -0.31 -20.51 23.22
N GLY A 29 -0.55 -19.41 22.51
CA GLY A 29 0.52 -18.75 21.77
C GLY A 29 1.15 -19.68 20.75
N ALA A 30 2.45 -19.92 20.91
CA ALA A 30 3.14 -20.86 20.04
C ALA A 30 3.00 -22.29 20.51
N GLY A 31 2.52 -22.53 21.73
CA GLY A 31 2.40 -23.88 22.25
C GLY A 31 0.96 -24.39 22.25
N VAL A 32 0.82 -25.71 22.33
CA VAL A 32 -0.47 -26.35 22.48
C VAL A 32 -0.42 -27.11 23.80
N GLN A 33 -1.38 -26.81 24.68
CA GLN A 33 -1.60 -27.57 25.91
C GLN A 33 -2.39 -28.82 25.56
N VAL A 34 -1.88 -29.98 25.92
CA VAL A 34 -2.51 -31.25 25.59
C VAL A 34 -2.86 -31.96 26.88
N THR A 35 -4.10 -32.46 26.98
CA THR A 35 -4.58 -33.26 28.10
C THR A 35 -5.18 -34.56 27.57
N VAL A 36 -4.70 -35.70 28.06
CA VAL A 36 -5.15 -37.02 27.58
C VAL A 36 -5.62 -37.84 28.77
N ASP A 37 -6.78 -38.48 28.62
CA ASP A 37 -7.35 -39.43 29.58
C ASP A 37 -7.90 -40.60 28.78
N VAL A 38 -7.36 -41.79 29.00
CA VAL A 38 -7.82 -42.96 28.25
C VAL A 38 -7.71 -44.18 29.15
N ARG A 39 -8.64 -45.12 29.02
CA ARG A 39 -8.64 -46.31 29.86
C ARG A 39 -8.50 -47.58 29.02
N GLY A 40 -8.21 -48.69 29.71
CA GLY A 40 -8.15 -49.99 29.09
C GLY A 40 -6.84 -50.37 28.44
N LEU A 41 -5.77 -49.64 28.71
CA LEU A 41 -4.45 -49.88 28.12
C LEU A 41 -3.55 -50.70 29.03
N THR A 42 -2.51 -51.30 28.44
CA THR A 42 -1.59 -52.08 29.27
C THR A 42 -0.65 -51.15 30.04
N PRO A 43 -0.32 -51.48 31.29
CA PRO A 43 0.55 -50.60 32.08
C PRO A 43 1.92 -50.38 31.45
N GLY A 44 2.44 -49.16 31.63
CA GLY A 44 3.74 -48.82 31.06
C GLY A 44 3.69 -47.61 30.14
N MET A 45 4.73 -47.45 29.34
CA MET A 45 4.84 -46.29 28.45
C MET A 45 4.33 -46.64 27.06
N HIS A 46 3.58 -45.71 26.47
CA HIS A 46 2.95 -45.93 25.18
C HIS A 46 3.31 -44.81 24.23
N GLY A 47 3.72 -45.16 23.02
CA GLY A 47 3.90 -44.14 22.00
C GLY A 47 2.59 -43.43 21.72
N MET A 48 2.66 -42.11 21.58
CA MET A 48 1.49 -41.28 21.30
C MET A 48 1.91 -40.26 20.24
N HIS A 49 1.29 -40.33 19.06
CA HIS A 49 1.70 -39.47 17.96
C HIS A 49 0.49 -38.93 17.18
N VAL A 50 0.69 -37.83 16.47
CA VAL A 50 -0.29 -37.38 15.48
C VAL A 50 -0.01 -38.12 14.18
N HIS A 51 -1.05 -38.69 13.58
CA HIS A 51 -0.97 -39.29 12.25
C HIS A 51 -1.67 -38.41 11.23
N GLU A 52 -1.37 -38.65 9.95
CA GLU A 52 -1.71 -37.66 8.92
C GLU A 52 -3.20 -37.57 8.61
N PHE A 53 -3.98 -38.65 8.70
CA PHE A 53 -5.37 -38.56 8.26
C PHE A 53 -6.33 -38.60 9.44
N GLY A 54 -7.44 -37.87 9.32
CA GLY A 54 -8.47 -37.89 10.36
C GLY A 54 -9.47 -39.01 10.18
N ARG A 55 -8.96 -40.23 10.18
CA ARG A 55 -9.85 -41.38 10.07
C ARG A 55 -9.30 -42.44 11.01
N CYS A 56 -10.19 -43.14 11.71
CA CYS A 56 -9.76 -44.13 12.69
C CYS A 56 -10.30 -45.52 12.35
N THR A 57 -10.59 -45.76 11.09
CA THR A 57 -11.09 -47.03 10.59
C THR A 57 -9.95 -47.91 10.13
N PRO A 58 -10.19 -49.19 9.81
CA PRO A 58 -9.09 -50.05 9.37
C PRO A 58 -8.54 -49.65 8.01
N GLY A 59 -7.26 -49.89 7.82
CA GLY A 59 -6.60 -49.59 6.56
C GLY A 59 -5.66 -50.69 6.10
N VAL A 68 -4.45 -53.31 8.89
CA VAL A 68 -4.32 -53.25 10.35
C VAL A 68 -5.37 -52.31 10.92
N PRO A 69 -5.71 -52.48 12.20
CA PRO A 69 -6.61 -51.53 12.86
C PRO A 69 -6.03 -50.14 12.85
N PHE A 70 -6.89 -49.16 12.57
CA PHE A 70 -6.50 -47.76 12.50
C PHE A 70 -5.50 -47.50 11.40
N GLY A 71 -5.47 -48.36 10.38
CA GLY A 71 -4.57 -48.15 9.27
C GLY A 71 -4.95 -46.94 8.46
N ALA A 72 -6.24 -46.61 8.41
CA ALA A 72 -6.73 -45.44 7.67
C ALA A 72 -6.19 -44.13 8.22
N ALA A 73 -5.58 -44.11 9.40
CA ALA A 73 -5.00 -42.88 9.90
C ALA A 73 -3.73 -42.49 9.14
N GLY A 74 -3.20 -43.39 8.32
CA GLY A 74 -1.98 -43.04 7.60
C GLY A 74 -0.75 -43.05 8.48
N GLY A 75 0.32 -42.47 7.96
CA GLY A 75 1.57 -42.49 8.68
C GLY A 75 1.69 -41.38 9.70
N HIS A 76 2.83 -41.37 10.38
CA HIS A 76 3.09 -40.32 11.36
C HIS A 76 3.15 -38.97 10.65
N PHE A 77 2.52 -37.98 11.26
CA PHE A 77 2.56 -36.62 10.75
C PHE A 77 3.77 -35.92 11.36
N ASP A 78 4.71 -35.51 10.51
CA ASP A 78 5.97 -34.99 11.02
C ASP A 78 6.16 -33.47 10.83
N PRO A 79 5.86 -32.89 9.65
CA PRO A 79 6.04 -31.44 9.52
C PRO A 79 5.34 -30.61 10.59
N PRO A 101 6.28 -36.67 25.12
CA PRO A 101 5.21 -37.12 24.23
C PRO A 101 4.96 -38.62 24.32
N MET A 102 5.17 -39.22 25.49
CA MET A 102 4.86 -40.62 25.71
C MET A 102 3.79 -40.72 26.80
N LEU A 103 2.82 -41.60 26.58
CA LEU A 103 1.73 -41.78 27.52
C LEU A 103 2.08 -42.86 28.53
N SER A 104 1.96 -42.52 29.82
CA SER A 104 2.23 -43.47 30.91
C SER A 104 0.88 -43.90 31.49
N VAL A 105 0.64 -45.21 31.48
CA VAL A 105 -0.60 -45.76 32.04
C VAL A 105 -0.22 -46.55 33.29
N GLY A 106 -0.95 -46.31 34.37
CA GLY A 106 -0.70 -46.97 35.64
C GLY A 106 -1.13 -48.43 35.62
N ALA A 107 -1.09 -49.03 36.82
CA ALA A 107 -1.40 -50.45 36.93
C ALA A 107 -2.87 -50.76 36.61
N ASP A 108 -3.76 -49.79 36.83
CA ASP A 108 -5.19 -49.91 36.57
C ASP A 108 -5.56 -49.73 35.09
N GLY A 109 -4.60 -49.62 34.19
CA GLY A 109 -4.89 -49.46 32.78
C GLY A 109 -5.30 -48.07 32.35
N VAL A 110 -5.22 -47.08 33.23
CA VAL A 110 -5.61 -45.71 32.93
C VAL A 110 -4.37 -44.92 32.52
N GLY A 111 -4.45 -44.29 31.36
CA GLY A 111 -3.40 -43.40 30.87
C GLY A 111 -3.80 -41.95 31.06
N LYS A 112 -2.86 -41.17 31.59
CA LYS A 112 -3.10 -39.78 31.94
C LYS A 112 -1.92 -38.98 31.45
N ALA A 113 -2.19 -37.87 30.75
CA ALA A 113 -1.08 -37.03 30.28
C ALA A 113 -1.52 -35.58 30.32
N SER A 114 -0.56 -34.70 30.56
CA SER A 114 -0.81 -33.27 30.57
C SER A 114 0.53 -32.59 30.30
N PHE A 115 0.67 -31.98 29.12
CA PHE A 115 1.91 -31.31 28.77
C PHE A 115 1.59 -30.15 27.84
N THR A 116 2.61 -29.33 27.60
CA THR A 116 2.55 -28.27 26.60
C THR A 116 3.59 -28.59 25.55
N SER A 117 3.20 -28.54 24.28
CA SER A 117 4.09 -28.87 23.19
C SER A 117 4.28 -27.68 22.27
N THR A 118 5.52 -27.44 21.85
CA THR A 118 5.81 -26.48 20.81
C THR A 118 6.03 -27.15 19.46
N LYS A 119 5.90 -28.47 19.41
CA LYS A 119 6.11 -29.24 18.19
C LYS A 119 4.81 -29.47 17.40
N ILE A 120 3.66 -29.08 17.95
CA ILE A 120 2.38 -29.16 17.25
C ILE A 120 1.69 -27.80 17.33
N SER A 121 0.71 -27.61 16.43
CA SER A 121 -0.09 -26.39 16.41
C SER A 121 -1.47 -26.75 15.89
N LEU A 122 -2.47 -25.99 16.32
CA LEU A 122 -3.83 -26.16 15.79
C LEU A 122 -4.08 -25.27 14.58
N THR A 123 -3.08 -24.51 14.14
CA THR A 123 -3.29 -23.60 13.03
C THR A 123 -2.05 -23.59 12.13
N GLY A 124 -2.15 -22.86 11.02
CA GLY A 124 -1.03 -22.70 10.13
C GLY A 124 -0.75 -23.90 9.25
N GLU A 125 0.38 -23.80 8.54
CA GLU A 125 0.73 -24.75 7.51
C GLU A 125 0.82 -26.17 8.04
N ASN A 126 1.26 -26.34 9.28
CA ASN A 126 1.43 -27.66 9.88
C ASN A 126 0.37 -27.97 10.94
N GLY A 127 -0.78 -27.32 10.88
CA GLY A 127 -1.80 -27.54 11.88
C GLY A 127 -2.36 -28.96 11.84
N ILE A 128 -2.81 -29.43 12.99
CA ILE A 128 -3.24 -30.81 13.14
C ILE A 128 -4.75 -30.97 13.20
N LEU A 129 -5.54 -29.94 12.93
CA LEU A 129 -7.00 -30.12 12.93
C LEU A 129 -7.40 -31.10 11.85
N ASN A 130 -8.33 -31.98 12.19
CA ASN A 130 -8.83 -33.06 11.32
C ASN A 130 -7.74 -34.06 10.95
N ARG A 131 -6.65 -34.11 11.72
CA ARG A 131 -5.76 -35.25 11.66
C ARG A 131 -6.16 -36.17 12.82
N SER A 132 -5.31 -37.12 13.16
CA SER A 132 -5.66 -38.10 14.19
C SER A 132 -4.58 -38.20 15.25
N LEU A 133 -5.00 -38.57 16.46
CA LEU A 133 -4.10 -38.91 17.55
C LEU A 133 -4.15 -40.41 17.74
N VAL A 134 -3.00 -41.06 17.69
CA VAL A 134 -2.91 -42.52 17.77
C VAL A 134 -2.03 -42.88 18.96
N ILE A 135 -2.48 -43.84 19.75
CA ILE A 135 -1.69 -44.40 20.84
C ILE A 135 -1.21 -45.79 20.44
N HIS A 136 0.10 -46.03 20.56
CA HIS A 136 0.70 -47.29 20.17
C HIS A 136 0.90 -48.21 21.36
N ALA A 137 1.32 -49.45 21.07
CA ALA A 137 1.42 -50.47 22.11
C ALA A 137 2.72 -50.37 22.89
N ASN A 138 3.84 -50.13 22.21
CA ASN A 138 5.16 -50.14 22.84
C ASN A 138 5.70 -48.72 23.01
N PRO A 139 6.75 -48.53 23.84
CA PRO A 139 7.40 -47.22 23.97
C PRO A 139 7.92 -46.65 22.65
N GLY A 151 5.18 -49.80 17.36
CA GLY A 151 4.24 -50.82 17.76
C GLY A 151 2.86 -50.71 17.11
N ALA A 152 2.01 -51.71 17.40
CA ALA A 152 0.64 -51.70 16.91
C ALA A 152 -0.11 -50.46 17.40
N ARG A 153 -1.12 -50.06 16.63
CA ARG A 153 -1.97 -48.92 16.98
C ARG A 153 -3.13 -49.44 17.83
N GLU A 154 -3.23 -48.93 19.06
CA GLU A 154 -4.21 -49.40 20.02
C GLU A 154 -5.41 -48.48 20.18
N ARG A 155 -5.23 -47.17 20.04
CA ARG A 155 -6.31 -46.20 20.21
C ARG A 155 -6.16 -45.15 19.12
N CYS A 156 -7.27 -44.56 18.73
CA CYS A 156 -7.21 -43.53 17.70
C CYS A 156 -8.40 -42.59 17.89
N GLY A 157 -8.16 -41.31 17.66
CA GLY A 157 -9.24 -40.33 17.70
C GLY A 157 -8.99 -39.25 16.66
N VAL A 158 -10.09 -38.73 16.08
CA VAL A 158 -10.01 -37.67 15.09
C VAL A 158 -9.99 -36.33 15.82
N ILE A 159 -9.05 -35.47 15.48
CA ILE A 159 -8.91 -34.17 16.16
C ILE A 159 -9.95 -33.21 15.57
N VAL A 160 -10.94 -32.82 16.36
CA VAL A 160 -12.09 -32.04 15.87
C VAL A 160 -12.08 -30.66 16.51
N ARG A 161 -12.05 -29.61 15.68
CA ARG A 161 -12.14 -28.24 16.20
C ARG A 161 -13.36 -28.05 17.08
N ASP A 162 -13.14 -27.45 18.25
CA ASP A 162 -14.24 -27.16 19.19
C ASP A 162 -15.00 -25.90 18.77
N GLY A 163 -16.31 -25.94 18.90
CA GLY A 163 -17.08 -24.70 18.81
C GLY A 163 -17.16 -24.05 17.44
N LEU A 164 -16.96 -24.83 16.38
CA LEU A 164 -17.03 -24.26 15.04
C LEU A 164 -17.54 -25.36 14.13
N SER A 165 -18.72 -25.19 13.56
CA SER A 165 -19.29 -26.20 12.71
C SER A 165 -18.94 -25.96 11.24
N VAL A 166 -18.70 -27.03 10.50
CA VAL A 166 -18.41 -26.91 9.08
C VAL A 166 -19.20 -27.99 8.35
N ARG A 167 -19.38 -27.79 7.04
CA ARG A 167 -19.94 -28.84 6.20
C ARG A 167 -19.01 -29.07 5.03
N ASP A 168 -18.55 -30.31 4.85
CA ASP A 168 -17.71 -30.61 3.69
C ASP A 168 -18.57 -31.14 2.54
N TYR A 169 -18.24 -30.70 1.33
CA TYR A 169 -18.85 -31.25 0.14
C TYR A 169 -17.75 -31.97 -0.62
N ALA A 170 -17.82 -33.29 -0.70
CA ALA A 170 -16.80 -34.09 -1.39
C ALA A 170 -17.07 -34.12 -2.88
N LEU A 171 -15.98 -34.12 -3.65
CA LEU A 171 -16.02 -34.23 -5.11
C LEU A 171 -15.55 -35.63 -5.50
N PRO A 172 -15.90 -36.12 -6.70
CA PRO A 172 -15.71 -37.55 -6.99
C PRO A 172 -14.41 -37.97 -7.65
N GLY A 173 -13.60 -37.05 -8.16
CA GLY A 173 -12.50 -37.43 -9.02
C GLY A 173 -11.15 -37.50 -8.32
N PRO A 174 -10.23 -38.29 -8.91
CA PRO A 174 -8.91 -38.49 -8.29
C PRO A 174 -7.96 -37.30 -8.43
N VAL A 175 -8.19 -36.39 -9.37
CA VAL A 175 -7.31 -35.24 -9.54
C VAL A 175 -8.13 -33.94 -9.74
N ASP A 176 -9.21 -33.78 -8.96
CA ASP A 176 -10.14 -32.67 -9.20
C ASP A 176 -9.49 -31.31 -8.97
N HIS A 177 -8.77 -31.16 -7.85
CA HIS A 177 -8.11 -29.90 -7.51
C HIS A 177 -9.05 -28.71 -7.70
N PRO A 178 -10.16 -28.63 -6.96
CA PRO A 178 -11.11 -27.53 -7.14
C PRO A 178 -10.49 -26.21 -6.72
N GLU A 179 -10.53 -25.24 -7.61
CA GLU A 179 -9.82 -24.00 -7.36
C GLU A 179 -10.77 -22.85 -7.13
N GLY A 180 -11.62 -22.53 -8.11
CA GLY A 180 -12.55 -21.44 -7.97
C GLY A 180 -13.92 -21.96 -7.52
N VAL A 181 -14.70 -21.06 -6.94
CA VAL A 181 -16.03 -21.44 -6.47
C VAL A 181 -16.97 -20.25 -6.63
N ALA A 182 -18.22 -20.54 -7.00
CA ALA A 182 -19.23 -19.50 -7.12
C ALA A 182 -20.57 -20.13 -6.83
N TYR A 183 -21.57 -19.28 -6.61
CA TYR A 183 -22.88 -19.77 -6.18
C TYR A 183 -23.97 -19.07 -6.97
N ASP A 184 -24.95 -19.84 -7.48
CA ASP A 184 -26.15 -19.27 -8.10
C ASP A 184 -27.29 -19.44 -7.11
N ALA A 185 -27.66 -18.35 -6.43
CA ALA A 185 -28.65 -18.46 -5.37
C ALA A 185 -30.03 -18.86 -5.90
N LYS A 186 -30.35 -18.44 -7.13
CA LYS A 186 -31.64 -18.79 -7.71
C LYS A 186 -31.77 -20.29 -7.93
N LYS A 187 -30.71 -20.96 -8.34
CA LYS A 187 -30.77 -22.40 -8.54
C LYS A 187 -30.34 -23.22 -7.32
N GLY A 188 -29.75 -22.57 -6.30
CA GLY A 188 -29.20 -23.31 -5.18
C GLY A 188 -28.00 -24.17 -5.54
N LEU A 189 -27.20 -23.75 -6.52
CA LEU A 189 -26.07 -24.55 -6.99
C LEU A 189 -24.76 -23.87 -6.69
N ILE A 190 -23.82 -24.62 -6.12
CA ILE A 190 -22.42 -24.20 -6.00
C ILE A 190 -21.69 -24.76 -7.22
N TYR A 191 -20.91 -23.92 -7.88
CA TYR A 191 -20.08 -24.34 -8.99
C TYR A 191 -18.63 -24.35 -8.53
N THR A 192 -17.85 -25.34 -8.94
CA THR A 192 -16.43 -25.30 -8.60
C THR A 192 -15.67 -25.99 -9.74
N GLY A 193 -14.49 -25.48 -10.07
CA GLY A 193 -13.80 -25.89 -11.29
C GLY A 193 -12.45 -26.55 -11.01
N SER A 194 -12.08 -27.50 -11.88
CA SER A 194 -10.84 -28.23 -11.70
C SER A 194 -9.67 -27.44 -12.28
N ALA A 195 -8.67 -27.15 -11.44
CA ALA A 195 -7.44 -26.55 -11.95
C ALA A 195 -6.63 -27.53 -12.80
N GLN A 196 -6.91 -28.82 -12.69
CA GLN A 196 -6.17 -29.81 -13.45
C GLN A 196 -6.74 -30.03 -14.84
N ASN A 197 -8.07 -30.18 -14.98
CA ASN A 197 -8.63 -30.52 -16.29
C ASN A 197 -9.83 -29.68 -16.74
N GLY A 198 -10.21 -28.66 -15.97
CA GLY A 198 -11.20 -27.72 -16.44
C GLY A 198 -12.65 -28.12 -16.26
N THR A 199 -12.94 -29.33 -15.78
CA THR A 199 -14.33 -29.70 -15.51
C THR A 199 -14.92 -28.77 -14.47
N ILE A 200 -16.17 -28.33 -14.70
CA ILE A 200 -16.93 -27.61 -13.68
C ILE A 200 -17.95 -28.59 -13.09
N TYR A 201 -17.93 -28.75 -11.78
CA TYR A 201 -18.93 -29.51 -11.06
C TYR A 201 -19.99 -28.55 -10.54
N ALA A 202 -21.23 -29.02 -10.50
CA ALA A 202 -22.32 -28.32 -9.83
C ALA A 202 -22.67 -29.10 -8.58
N ILE A 203 -22.82 -28.41 -7.46
CA ILE A 203 -23.12 -29.07 -6.18
C ILE A 203 -24.42 -28.47 -5.68
N ASN A 204 -25.41 -29.31 -5.45
CA ASN A 204 -26.63 -28.78 -4.87
C ASN A 204 -26.32 -28.41 -3.42
N ALA A 205 -26.44 -27.12 -3.09
CA ALA A 205 -26.00 -26.69 -1.75
C ALA A 205 -26.80 -27.37 -0.62
N GLN A 206 -28.09 -27.68 -0.84
CA GLN A 206 -28.87 -28.33 0.21
C GLN A 206 -28.53 -29.80 0.33
N SER A 207 -28.55 -30.55 -0.78
CA SER A 207 -28.38 -32.01 -0.72
C SER A 207 -26.93 -32.46 -0.79
N GLY A 208 -26.02 -31.63 -1.30
CA GLY A 208 -24.68 -32.08 -1.55
C GLY A 208 -24.49 -32.87 -2.83
N ALA A 209 -25.55 -33.13 -3.59
CA ALA A 209 -25.41 -33.94 -4.79
C ALA A 209 -24.52 -33.24 -5.80
N VAL A 210 -23.58 -34.00 -6.38
CA VAL A 210 -22.60 -33.45 -7.30
C VAL A 210 -22.91 -33.94 -8.71
N THR A 211 -22.95 -33.02 -9.66
CA THR A 211 -23.09 -33.39 -11.07
C THR A 211 -22.02 -32.67 -11.86
N LYS A 212 -21.79 -33.10 -13.10
CA LYS A 212 -20.85 -32.39 -13.95
C LYS A 212 -21.61 -31.30 -14.70
N PHE A 213 -21.30 -30.06 -14.38
CA PHE A 213 -21.94 -28.95 -15.06
C PHE A 213 -21.46 -28.89 -16.49
N GLN A 214 -20.14 -28.95 -16.67
CA GLN A 214 -19.55 -29.07 -18.01
C GLN A 214 -18.21 -29.76 -17.90
N GLU A 215 -18.04 -30.87 -18.62
CA GLU A 215 -16.73 -31.51 -18.65
C GLU A 215 -15.70 -30.61 -19.27
N GLY A 216 -14.46 -30.72 -18.78
CA GLY A 216 -13.38 -29.92 -19.32
C GLY A 216 -12.78 -30.59 -20.57
N GLY A 217 -11.80 -29.91 -21.15
CA GLY A 217 -11.01 -30.47 -22.23
C GLY A 217 -11.11 -29.73 -23.53
N ALA A 218 -12.20 -28.99 -23.77
CA ALA A 218 -12.29 -28.23 -25.02
C ALA A 218 -11.31 -27.05 -25.00
N TYR A 219 -11.14 -26.43 -26.17
CA TYR A 219 -10.31 -25.24 -26.29
C TYR A 219 -10.75 -24.18 -25.28
N GLY A 220 -9.78 -23.62 -24.53
CA GLY A 220 -10.12 -22.63 -23.52
C GLY A 220 -10.73 -23.21 -22.26
N ARG A 221 -10.93 -24.52 -22.22
CA ARG A 221 -11.67 -25.18 -21.14
C ARG A 221 -10.84 -26.31 -20.54
N GLN A 222 -9.51 -26.25 -20.65
CA GLN A 222 -8.68 -27.32 -20.12
C GLN A 222 -8.25 -27.07 -18.68
N VAL A 223 -8.45 -25.84 -18.19
CA VAL A 223 -8.13 -25.43 -16.81
C VAL A 223 -9.19 -24.44 -16.37
N ALA A 224 -9.66 -24.60 -15.13
CA ALA A 224 -10.64 -23.67 -14.54
C ALA A 224 -10.11 -23.20 -13.19
N LEU A 225 -9.86 -21.89 -13.08
CA LEU A 225 -9.42 -21.28 -11.82
C LEU A 225 -10.55 -20.39 -11.29
N GLY A 226 -10.30 -19.10 -11.10
CA GLY A 226 -11.34 -18.26 -10.52
C GLY A 226 -12.68 -18.34 -11.22
N LEU A 227 -13.79 -18.38 -10.46
CA LEU A 227 -15.14 -18.45 -11.02
C LEU A 227 -16.01 -17.33 -10.44
N LYS A 228 -16.96 -16.84 -11.24
CA LYS A 228 -18.00 -15.93 -10.75
C LYS A 228 -19.28 -16.23 -11.50
N VAL A 229 -20.41 -16.06 -10.81
CA VAL A 229 -21.72 -16.14 -11.44
C VAL A 229 -22.24 -14.72 -11.63
N ASP A 230 -22.65 -14.39 -12.85
CA ASP A 230 -23.17 -13.03 -13.06
C ASP A 230 -24.70 -12.96 -12.87
N PRO A 231 -25.29 -11.76 -12.94
CA PRO A 231 -26.74 -11.66 -12.66
C PRO A 231 -27.62 -12.46 -13.60
N GLN A 232 -27.13 -12.83 -14.78
CA GLN A 232 -27.88 -13.69 -15.67
C GLN A 232 -27.69 -15.17 -15.40
N GLY A 233 -26.91 -15.53 -14.37
CA GLY A 233 -26.65 -16.92 -14.10
C GLY A 233 -25.52 -17.52 -14.91
N ARG A 234 -24.80 -16.69 -15.66
CA ARG A 234 -23.70 -17.19 -16.48
C ARG A 234 -22.46 -17.34 -15.60
N LEU A 235 -21.69 -18.37 -15.88
CA LEU A 235 -20.48 -18.70 -15.14
C LEU A 235 -19.27 -18.22 -15.91
N TRP A 236 -18.46 -17.36 -15.29
CA TRP A 236 -17.25 -16.80 -15.88
C TRP A 236 -16.06 -17.54 -15.28
N ILE A 237 -15.10 -17.93 -16.13
CA ILE A 237 -14.07 -18.88 -15.70
C ILE A 237 -12.70 -18.36 -16.11
N ALA A 238 -11.84 -18.11 -15.14
CA ALA A 238 -10.45 -17.77 -15.45
C ALA A 238 -9.69 -19.02 -15.93
N GLY A 239 -8.91 -18.89 -17.01
CA GLY A 239 -8.35 -20.04 -17.72
C GLY A 239 -6.91 -20.39 -17.45
N GLY A 240 -6.27 -19.73 -16.49
CA GLY A 240 -4.92 -20.16 -16.09
C GLY A 240 -3.94 -19.98 -17.21
N ALA A 241 -3.05 -20.96 -17.37
CA ALA A 241 -2.02 -20.89 -18.40
C ALA A 241 -2.58 -20.95 -19.82
N GLN A 242 -3.89 -21.14 -20.01
CA GLN A 242 -4.44 -21.02 -21.36
C GLN A 242 -4.55 -19.58 -21.80
N GLY A 243 -4.55 -18.64 -20.86
CA GLY A 243 -4.71 -17.24 -21.20
C GLY A 243 -6.11 -16.84 -21.60
N THR A 244 -7.13 -17.61 -21.20
CA THR A 244 -8.50 -17.37 -21.62
C THR A 244 -9.39 -16.96 -20.45
N VAL A 245 -10.50 -16.32 -20.81
CA VAL A 245 -11.67 -16.18 -19.94
C VAL A 245 -12.82 -16.82 -20.68
N SER A 246 -13.49 -17.78 -20.04
CA SER A 246 -14.59 -18.48 -20.69
C SER A 246 -15.89 -18.16 -19.98
N ILE A 247 -16.98 -18.16 -20.73
CA ILE A 247 -18.29 -17.88 -20.17
C ILE A 247 -19.23 -19.00 -20.56
N LEU A 248 -19.92 -19.60 -19.58
CA LEU A 248 -20.90 -20.65 -19.80
C LEU A 248 -22.28 -20.13 -19.42
N THR A 249 -23.30 -20.50 -20.21
CA THR A 249 -24.67 -20.20 -19.82
C THR A 249 -25.17 -21.18 -18.78
N PRO A 250 -26.28 -20.87 -18.09
CA PRO A 250 -26.73 -21.76 -17.00
C PRO A 250 -27.13 -23.14 -17.45
N ASP A 251 -27.30 -23.39 -18.75
CA ASP A 251 -27.59 -24.72 -19.26
C ASP A 251 -26.32 -25.58 -19.35
N GLY A 252 -25.17 -25.04 -19.00
CA GLY A 252 -23.94 -25.79 -19.03
C GLY A 252 -23.22 -25.73 -20.37
N MET A 253 -23.72 -24.92 -21.31
CA MET A 253 -23.11 -24.80 -22.63
C MET A 253 -22.18 -23.58 -22.69
N THR A 254 -21.15 -23.67 -23.51
CA THR A 254 -20.23 -22.57 -23.67
C THR A 254 -20.88 -21.42 -24.44
N LEU A 255 -20.75 -20.21 -23.89
CA LEU A 255 -21.21 -19.00 -24.56
C LEU A 255 -20.10 -18.37 -25.38
N ALA A 256 -18.92 -18.23 -24.79
CA ALA A 256 -17.77 -17.65 -25.48
C ALA A 256 -16.48 -18.05 -24.78
N VAL A 257 -15.39 -18.17 -25.54
CA VAL A 257 -14.03 -18.23 -25.01
C VAL A 257 -13.32 -16.96 -25.44
N LEU A 258 -12.92 -16.12 -24.48
CA LEU A 258 -12.26 -14.87 -24.79
C LEU A 258 -10.75 -15.04 -24.64
N GLU A 259 -9.99 -14.57 -25.61
CA GLU A 259 -8.54 -14.68 -25.56
C GLU A 259 -7.92 -13.39 -25.06
N THR A 260 -6.80 -13.52 -24.39
CA THR A 260 -5.92 -12.40 -24.12
C THR A 260 -4.78 -12.39 -25.14
N PRO A 261 -4.03 -11.29 -25.23
CA PRO A 261 -2.91 -11.25 -26.17
C PRO A 261 -1.93 -12.41 -25.96
N LYS A 262 -1.40 -12.91 -27.06
CA LYS A 262 -0.44 -13.99 -27.01
C LYS A 262 0.92 -13.42 -26.64
N SER A 263 1.33 -13.63 -25.40
CA SER A 263 2.68 -13.30 -24.97
C SER A 263 3.08 -14.39 -24.00
N PRO A 264 4.37 -14.54 -23.71
CA PRO A 264 4.83 -15.66 -22.89
C PRO A 264 4.24 -15.64 -21.48
N ARG A 265 4.03 -16.85 -20.96
CA ARG A 265 3.65 -17.22 -19.61
C ARG A 265 2.37 -16.51 -19.18
N PRO A 266 1.28 -16.64 -19.94
CA PRO A 266 0.00 -16.13 -19.44
C PRO A 266 -0.46 -16.96 -18.25
N TYR A 267 -1.18 -16.29 -17.31
CA TYR A 267 -1.77 -17.05 -16.21
C TYR A 267 -2.98 -16.27 -15.70
N ILE A 268 -4.11 -16.43 -16.38
CA ILE A 268 -5.34 -15.75 -16.00
C ILE A 268 -5.90 -16.41 -14.74
N ASN A 269 -5.96 -15.67 -13.65
CA ASN A 269 -6.07 -16.26 -12.31
C ASN A 269 -7.46 -16.09 -11.69
N ASP A 270 -7.97 -14.86 -11.61
CA ASP A 270 -9.26 -14.65 -10.98
C ASP A 270 -9.92 -13.44 -11.62
N LEU A 271 -11.19 -13.22 -11.26
CA LEU A 271 -11.92 -12.14 -11.87
C LEU A 271 -13.07 -11.72 -10.96
N VAL A 272 -13.61 -10.54 -11.22
CA VAL A 272 -14.72 -10.04 -10.40
C VAL A 272 -15.57 -9.10 -11.24
N LEU A 273 -16.89 -9.12 -11.01
CA LEU A 273 -17.80 -8.20 -11.66
C LEU A 273 -17.97 -6.95 -10.80
N ALA A 274 -17.65 -5.78 -11.38
CA ALA A 274 -17.78 -4.54 -10.61
C ALA A 274 -19.15 -3.94 -10.84
N PRO A 275 -19.56 -3.03 -9.95
CA PRO A 275 -20.84 -2.33 -10.12
C PRO A 275 -20.99 -1.59 -11.43
N ASP A 276 -19.89 -1.25 -12.09
CA ASP A 276 -19.96 -0.57 -13.38
C ASP A 276 -20.33 -1.50 -14.51
N GLY A 277 -20.50 -2.80 -14.24
CA GLY A 277 -20.92 -3.79 -15.23
C GLY A 277 -19.78 -4.45 -15.99
N ASN A 278 -18.53 -4.13 -15.66
CA ASN A 278 -17.35 -4.72 -16.27
C ASN A 278 -16.77 -5.79 -15.35
N PHE A 279 -16.23 -6.85 -15.96
CA PHE A 279 -15.37 -7.79 -15.24
C PHE A 279 -13.93 -7.31 -15.30
N TYR A 280 -13.23 -7.41 -14.18
CA TYR A 280 -11.80 -7.12 -14.11
C TYR A 280 -11.09 -8.43 -13.77
N VAL A 281 -9.98 -8.69 -14.46
CA VAL A 281 -9.38 -10.02 -14.53
C VAL A 281 -7.90 -9.90 -14.20
N THR A 282 -7.42 -10.71 -13.24
CA THR A 282 -6.00 -10.67 -12.89
C THR A 282 -5.22 -11.71 -13.68
N ASP A 283 -3.95 -11.40 -13.90
CA ASP A 283 -2.98 -12.33 -14.48
C ASP A 283 -1.83 -12.34 -13.51
N SER A 284 -1.60 -13.49 -12.88
CA SER A 284 -0.62 -13.55 -11.80
C SER A 284 0.81 -13.69 -12.31
N SER A 285 1.00 -13.74 -13.63
CA SER A 285 2.31 -13.86 -14.27
C SER A 285 2.68 -12.65 -15.11
N ARG A 286 1.74 -12.09 -15.85
CA ARG A 286 1.98 -10.93 -16.71
C ARG A 286 1.47 -9.68 -16.02
N PRO A 287 2.24 -8.59 -15.99
CA PRO A 287 1.83 -7.39 -15.19
C PRO A 287 0.78 -6.54 -15.89
N VAL A 288 -0.43 -7.08 -15.95
CA VAL A 288 -1.55 -6.42 -16.62
C VAL A 288 -2.84 -6.86 -15.95
N ILE A 289 -3.79 -5.93 -15.81
CA ILE A 289 -5.17 -6.26 -15.42
C ILE A 289 -6.03 -6.12 -16.67
N PHE A 290 -6.83 -7.14 -16.96
CA PHE A 290 -7.71 -7.09 -18.12
C PHE A 290 -9.12 -6.70 -17.68
N ARG A 291 -9.88 -6.20 -18.65
CA ARG A 291 -11.28 -5.83 -18.44
C ARG A 291 -12.13 -6.49 -19.51
N VAL A 292 -13.29 -7.02 -19.13
CA VAL A 292 -14.26 -7.52 -20.11
C VAL A 292 -15.52 -6.69 -19.96
N ASP A 293 -15.91 -6.00 -21.05
CA ASP A 293 -17.07 -5.13 -20.96
C ASP A 293 -18.36 -5.91 -21.26
N LYS A 294 -19.51 -5.22 -21.17
CA LYS A 294 -20.80 -5.88 -21.27
C LYS A 294 -20.97 -6.57 -22.62
N ALA A 295 -20.34 -6.05 -23.66
CA ALA A 295 -20.41 -6.64 -24.99
C ALA A 295 -19.42 -7.78 -25.17
N LEU A 296 -18.75 -8.19 -24.08
CA LEU A 296 -17.79 -9.30 -24.08
C LEU A 296 -16.51 -8.97 -24.82
N LYS A 297 -16.12 -7.70 -24.85
CA LYS A 297 -14.84 -7.29 -25.44
C LYS A 297 -13.80 -7.24 -24.34
N LEU A 298 -12.70 -7.98 -24.52
CA LEU A 298 -11.64 -8.07 -23.54
C LEU A 298 -10.52 -7.14 -23.97
N THR A 299 -10.08 -6.28 -23.05
CA THR A 299 -8.99 -5.34 -23.31
C THR A 299 -7.98 -5.38 -22.17
N ALA A 300 -6.74 -5.00 -22.49
CA ALA A 300 -5.78 -4.70 -21.44
C ALA A 300 -6.17 -3.37 -20.84
N TRP A 301 -6.49 -3.37 -19.56
CA TRP A 301 -7.06 -2.18 -18.95
C TRP A 301 -6.03 -1.40 -18.16
N LEU A 302 -5.13 -2.07 -17.46
CA LEU A 302 -4.08 -1.37 -16.72
C LEU A 302 -2.78 -2.13 -16.86
N ASP A 303 -1.78 -1.49 -17.48
CA ASP A 303 -0.42 -2.00 -17.50
C ASP A 303 0.21 -1.68 -16.16
N LEU A 304 0.72 -2.70 -15.46
CA LEU A 304 1.19 -2.48 -14.10
C LEU A 304 2.62 -1.99 -14.01
N ALA A 305 3.37 -2.06 -15.12
CA ALA A 305 4.73 -1.55 -15.13
C ALA A 305 4.71 -0.06 -14.84
N GLY A 306 5.59 0.37 -13.95
CA GLY A 306 5.62 1.77 -13.54
C GLY A 306 4.66 2.14 -12.44
N THR A 307 3.74 1.25 -12.04
CA THR A 307 2.92 1.47 -10.86
C THR A 307 3.68 0.91 -9.68
N PRO A 308 3.22 1.11 -8.44
CA PRO A 308 3.93 0.50 -7.32
C PRO A 308 3.81 -1.01 -7.27
N ILE A 309 2.98 -1.62 -8.11
CA ILE A 309 2.87 -3.07 -8.11
C ILE A 309 4.03 -3.62 -8.94
N LYS A 310 4.95 -4.30 -8.28
CA LYS A 310 6.15 -4.81 -8.94
C LYS A 310 6.03 -6.32 -9.04
N TYR A 311 5.95 -6.83 -10.26
CA TYR A 311 5.86 -8.27 -10.45
C TYR A 311 7.20 -8.95 -10.22
N GLY A 312 7.17 -10.06 -9.50
CA GLY A 312 8.36 -10.85 -9.25
C GLY A 312 8.12 -12.34 -9.42
N PRO A 313 9.12 -13.16 -9.11
CA PRO A 313 8.96 -14.61 -9.28
C PRO A 313 7.77 -15.14 -8.49
N GLY A 314 7.04 -16.06 -9.10
CA GLY A 314 5.91 -16.68 -8.44
C GLY A 314 4.60 -16.04 -8.82
N VAL A 315 3.63 -16.22 -7.95
CA VAL A 315 2.26 -15.76 -8.21
C VAL A 315 2.15 -14.31 -7.74
N ASN A 316 1.74 -13.41 -8.64
CA ASN A 316 1.59 -12.00 -8.27
C ASN A 316 0.13 -11.68 -7.98
N LEU A 317 -0.49 -10.71 -8.67
CA LEU A 317 -1.88 -10.41 -8.37
C LEU A 317 -2.73 -11.64 -8.63
N ASN A 318 -3.58 -12.00 -7.65
CA ASN A 318 -4.51 -13.08 -7.97
C ASN A 318 -5.92 -12.78 -7.49
N GLY A 319 -6.22 -12.87 -6.21
CA GLY A 319 -7.58 -12.54 -5.78
C GLY A 319 -7.91 -11.08 -6.07
N ILE A 320 -9.17 -10.83 -6.39
CA ILE A 320 -9.59 -9.47 -6.75
C ILE A 320 -11.05 -9.27 -6.33
N ALA A 321 -11.36 -8.06 -5.88
CA ALA A 321 -12.70 -7.72 -5.42
C ALA A 321 -13.02 -6.31 -5.89
N ALA A 322 -14.30 -5.96 -5.90
CA ALA A 322 -14.77 -4.65 -6.37
C ALA A 322 -15.60 -4.02 -5.25
N THR A 323 -15.28 -2.78 -4.90
CA THR A 323 -16.04 -2.18 -3.79
C THR A 323 -17.45 -1.80 -4.26
N PRO A 324 -18.45 -1.91 -3.37
CA PRO A 324 -19.84 -1.80 -3.84
C PRO A 324 -20.25 -0.39 -4.23
N ASP A 325 -19.53 0.64 -3.76
CA ASP A 325 -19.74 2.04 -4.19
C ASP A 325 -19.24 2.30 -5.61
N GLY A 326 -18.60 1.32 -6.23
CA GLY A 326 -18.15 1.46 -7.59
C GLY A 326 -16.83 2.18 -7.74
N LYS A 327 -16.17 2.52 -6.64
CA LYS A 327 -14.98 3.36 -6.76
C LYS A 327 -13.70 2.57 -7.01
N TYR A 328 -13.56 1.37 -6.44
CA TYR A 328 -12.24 0.72 -6.37
C TYR A 328 -12.30 -0.76 -6.71
N LEU A 329 -11.14 -1.27 -7.14
CA LEU A 329 -10.81 -2.69 -7.08
C LEU A 329 -9.83 -2.89 -5.93
N LEU A 330 -9.91 -4.06 -5.30
CA LEU A 330 -8.89 -4.51 -4.34
C LEU A 330 -8.28 -5.77 -4.92
N ALA A 331 -6.95 -5.88 -4.89
CA ALA A 331 -6.32 -7.09 -5.43
C ALA A 331 -5.14 -7.46 -4.53
N VAL A 332 -4.98 -8.75 -4.24
CA VAL A 332 -3.90 -9.20 -3.38
C VAL A 332 -2.78 -9.80 -4.22
N GLN A 333 -1.53 -9.43 -3.90
CA GLN A 333 -0.34 -9.97 -4.56
C GLN A 333 0.18 -11.09 -3.68
N LEU A 334 0.10 -12.34 -4.17
CA LEU A 334 0.35 -13.48 -3.30
C LEU A 334 1.80 -13.50 -2.81
N ASN A 335 2.76 -13.25 -3.72
CA ASN A 335 4.13 -13.51 -3.34
C ASN A 335 4.66 -12.46 -2.37
N THR A 336 4.23 -11.21 -2.53
CA THR A 336 4.65 -10.16 -1.60
C THR A 336 3.71 -10.00 -0.41
N GLY A 337 2.48 -10.54 -0.49
CA GLY A 337 1.54 -10.35 0.60
C GLY A 337 0.92 -8.99 0.65
N GLU A 338 1.01 -8.22 -0.41
CA GLU A 338 0.50 -6.86 -0.41
C GLU A 338 -0.90 -6.81 -0.96
N LEU A 339 -1.76 -6.04 -0.30
CA LEU A 339 -3.12 -5.74 -0.76
C LEU A 339 -3.12 -4.35 -1.38
N TRP A 340 -3.64 -4.24 -2.61
CA TRP A 340 -3.60 -3.03 -3.42
C TRP A 340 -5.01 -2.51 -3.69
N ARG A 341 -5.17 -1.18 -3.60
CA ARG A 341 -6.41 -0.52 -4.02
C ARG A 341 -6.19 0.17 -5.38
N ILE A 342 -7.12 -0.05 -6.31
N ILE A 342 -7.12 -0.06 -6.31
CA ILE A 342 -7.00 0.50 -7.66
CA ILE A 342 -7.01 0.51 -7.65
C ILE A 342 -8.24 1.33 -7.96
C ILE A 342 -8.25 1.33 -7.94
N ASP A 343 -8.04 2.61 -8.28
CA ASP A 343 -9.14 3.51 -8.56
C ASP A 343 -9.68 3.24 -9.96
N LEU A 344 -10.98 2.93 -10.07
CA LEU A 344 -11.53 2.56 -11.37
C LEU A 344 -11.60 3.73 -12.34
N LYS A 345 -11.65 4.96 -11.85
CA LYS A 345 -11.78 6.10 -12.75
C LYS A 345 -10.42 6.64 -13.17
N THR A 346 -9.45 6.68 -12.27
CA THR A 346 -8.14 7.24 -12.58
C THR A 346 -7.06 6.19 -12.78
N LYS A 347 -7.31 4.94 -12.36
CA LYS A 347 -6.34 3.85 -12.39
C LYS A 347 -5.19 4.07 -11.42
N ALA A 348 -5.32 5.03 -10.49
CA ALA A 348 -4.31 5.21 -9.47
C ALA A 348 -4.30 4.02 -8.54
N VAL A 349 -3.13 3.70 -8.00
CA VAL A 349 -2.88 2.50 -7.19
C VAL A 349 -2.35 2.96 -5.82
N LYS A 350 -2.91 2.39 -4.75
CA LYS A 350 -2.50 2.69 -3.38
C LYS A 350 -2.30 1.38 -2.63
N LYS A 351 -1.22 1.28 -1.86
CA LYS A 351 -1.11 0.10 -0.99
C LYS A 351 -2.07 0.20 0.18
N VAL A 352 -2.82 -0.88 0.43
CA VAL A 352 -3.75 -0.92 1.57
C VAL A 352 -3.07 -1.46 2.81
N MET A 353 -2.38 -2.60 2.69
CA MET A 353 -1.75 -3.22 3.85
C MET A 353 -0.81 -4.30 3.36
N ASP A 354 0.02 -4.79 4.27
CA ASP A 354 0.91 -5.92 3.99
C ASP A 354 0.50 -7.09 4.89
N GLY A 355 1.24 -8.18 4.80
CA GLY A 355 1.09 -9.28 5.74
C GLY A 355 0.19 -10.41 5.25
N LEU A 356 -0.13 -10.46 3.97
CA LEU A 356 -1.01 -11.49 3.41
C LEU A 356 -0.26 -12.42 2.47
N VAL A 357 1.00 -12.75 2.78
CA VAL A 357 1.73 -13.65 1.90
C VAL A 357 0.95 -14.96 1.80
N ASN A 358 0.93 -15.52 0.60
CA ASN A 358 0.14 -16.69 0.18
C ASN A 358 -1.34 -16.36 0.06
N GLY A 359 -1.69 -15.07 0.10
CA GLY A 359 -3.08 -14.66 -0.09
C GLY A 359 -3.52 -14.94 -1.51
N ASP A 360 -4.64 -15.64 -1.64
CA ASP A 360 -5.14 -16.16 -2.89
C ASP A 360 -6.50 -15.51 -3.15
N GLY A 361 -7.61 -16.23 -2.97
CA GLY A 361 -8.91 -15.64 -3.28
C GLY A 361 -9.36 -14.59 -2.26
N LEU A 362 -10.11 -13.60 -2.76
CA LEU A 362 -10.68 -12.53 -1.94
C LEU A 362 -12.19 -12.62 -1.91
N LEU A 363 -12.77 -12.19 -0.80
N LEU A 363 -12.76 -12.24 -0.78
CA LEU A 363 -14.23 -12.05 -0.75
CA LEU A 363 -14.21 -12.06 -0.68
C LEU A 363 -14.53 -10.86 0.14
C LEU A 363 -14.44 -10.81 0.14
N LEU A 364 -15.04 -9.80 -0.47
CA LEU A 364 -15.31 -8.53 0.20
C LEU A 364 -16.73 -8.56 0.69
N ASP A 365 -16.92 -8.30 1.98
CA ASP A 365 -18.26 -8.30 2.59
C ASP A 365 -18.37 -7.00 3.40
N GLY A 366 -18.69 -5.91 2.74
CA GLY A 366 -18.78 -4.61 3.43
C GLY A 366 -17.41 -4.05 3.72
N ARG A 367 -17.09 -3.86 4.99
CA ARG A 367 -15.77 -3.39 5.36
C ARG A 367 -14.92 -4.54 5.87
N THR A 368 -15.39 -5.77 5.69
CA THR A 368 -14.63 -6.94 6.06
C THR A 368 -14.19 -7.67 4.80
N LEU A 369 -12.90 -8.00 4.72
CA LEU A 369 -12.35 -8.68 3.56
C LEU A 369 -11.83 -10.02 4.03
N TYR A 370 -12.32 -11.11 3.43
CA TYR A 370 -11.80 -12.43 3.71
C TYR A 370 -10.76 -12.79 2.66
N VAL A 371 -9.67 -13.44 3.09
CA VAL A 371 -8.52 -13.72 2.22
C VAL A 371 -8.11 -15.16 2.49
N ALA A 372 -8.19 -16.01 1.48
CA ALA A 372 -7.68 -17.38 1.66
C ALA A 372 -6.17 -17.33 1.56
N ARG A 373 -5.46 -17.87 2.58
CA ARG A 373 -4.00 -17.97 2.55
C ARG A 373 -3.64 -19.43 2.35
N ASN A 374 -3.21 -19.78 1.14
CA ASN A 374 -3.29 -21.18 0.72
C ASN A 374 -2.26 -22.02 1.45
N LYS A 375 -0.97 -21.64 1.37
CA LYS A 375 0.04 -22.44 2.06
C LYS A 375 -0.18 -22.48 3.56
N ASP A 376 -0.68 -21.38 4.16
CA ASP A 376 -0.89 -21.25 5.59
C ASP A 376 -2.14 -21.96 6.11
N GLN A 377 -3.00 -22.43 5.21
CA GLN A 377 -4.19 -23.22 5.56
C GLN A 377 -5.13 -22.42 6.46
N VAL A 378 -5.29 -21.13 6.18
CA VAL A 378 -6.22 -20.32 6.96
C VAL A 378 -7.00 -19.40 6.04
N VAL A 379 -8.12 -18.93 6.56
CA VAL A 379 -8.90 -17.84 5.96
C VAL A 379 -8.68 -16.62 6.85
N ALA A 380 -8.03 -15.60 6.31
CA ALA A 380 -7.76 -14.40 7.09
C ALA A 380 -8.94 -13.45 6.97
N LYS A 381 -9.15 -12.67 8.02
CA LYS A 381 -10.16 -11.63 8.06
C LYS A 381 -9.47 -10.29 8.22
N VAL A 382 -9.79 -9.35 7.33
CA VAL A 382 -9.21 -8.00 7.33
C VAL A 382 -10.33 -7.00 7.54
N SER A 383 -10.11 -6.02 8.43
CA SER A 383 -11.02 -4.91 8.60
C SER A 383 -10.48 -3.73 7.81
N LEU A 384 -11.30 -3.17 6.95
CA LEU A 384 -10.91 -2.08 6.06
C LEU A 384 -11.49 -0.75 6.52
N SER A 385 -10.75 0.31 6.24
CA SER A 385 -11.22 1.67 6.51
C SER A 385 -12.28 2.06 5.48
N ALA A 386 -12.95 3.21 5.70
CA ALA A 386 -14.08 3.59 4.88
C ALA A 386 -13.71 3.89 3.43
N ASP A 387 -12.51 4.42 3.20
CA ASP A 387 -12.05 4.66 1.84
C ASP A 387 -11.22 3.50 1.31
N TYR A 388 -11.23 2.36 2.01
CA TYR A 388 -10.53 1.15 1.61
C TYR A 388 -9.04 1.37 1.46
N GLY A 389 -8.52 2.43 2.09
CA GLY A 389 -7.14 2.82 1.98
C GLY A 389 -6.22 2.20 2.99
N SER A 390 -6.78 1.59 4.04
CA SER A 390 -5.96 0.90 5.01
C SER A 390 -6.74 -0.29 5.52
N GLY A 391 -6.02 -1.22 6.11
CA GLY A 391 -6.66 -2.44 6.60
C GLY A 391 -5.85 -3.01 7.74
N GLN A 392 -6.54 -3.79 8.57
CA GLN A 392 -5.96 -4.45 9.72
C GLN A 392 -6.32 -5.92 9.66
N LEU A 393 -5.33 -6.78 9.82
CA LEU A 393 -5.54 -8.23 9.91
C LEU A 393 -6.03 -8.54 11.32
N VAL A 394 -7.27 -8.98 11.45
CA VAL A 394 -7.90 -9.10 12.77
C VAL A 394 -8.10 -10.54 13.21
N ALA A 395 -8.13 -11.50 12.28
CA ALA A 395 -8.30 -12.90 12.68
C ALA A 395 -7.80 -13.79 11.55
N GLN A 396 -7.35 -14.99 11.91
CA GLN A 396 -7.02 -15.99 10.88
C GLN A 396 -7.56 -17.34 11.32
N GLU A 397 -8.47 -17.89 10.51
CA GLU A 397 -9.25 -19.06 10.90
C GLU A 397 -8.70 -20.31 10.24
N PRO A 398 -8.28 -21.33 11.00
CA PRO A 398 -7.96 -22.62 10.38
C PRO A 398 -9.18 -23.52 10.19
N LEU A 399 -10.37 -23.06 10.61
CA LEU A 399 -11.65 -23.79 10.54
C LEU A 399 -11.46 -25.15 11.19
N ASN A 400 -11.78 -26.25 10.51
CA ASN A 400 -11.48 -27.58 11.04
C ASN A 400 -10.43 -28.27 10.18
N GLY A 401 -9.44 -27.50 9.72
CA GLY A 401 -8.38 -28.04 8.90
C GLY A 401 -8.66 -27.79 7.44
N LEU A 402 -7.68 -27.21 6.73
CA LEU A 402 -7.82 -26.86 5.33
C LEU A 402 -6.57 -27.31 4.58
N ARG A 403 -6.75 -27.76 3.36
CA ARG A 403 -5.63 -28.23 2.55
C ARG A 403 -5.53 -27.30 1.34
N PHE A 404 -4.61 -26.35 1.41
CA PHE A 404 -4.38 -25.35 0.37
C PHE A 404 -5.68 -24.64 -0.02
N PRO A 405 -6.32 -23.92 0.91
CA PRO A 405 -7.56 -23.21 0.56
C PRO A 405 -7.28 -22.12 -0.46
N ALA A 406 -8.07 -22.06 -1.53
CA ALA A 406 -7.73 -21.19 -2.68
C ALA A 406 -8.71 -20.05 -2.87
N THR A 407 -10.02 -20.31 -3.02
CA THR A 407 -10.94 -19.21 -3.25
C THR A 407 -12.19 -19.38 -2.40
N LEU A 408 -12.98 -18.30 -2.35
CA LEU A 408 -14.08 -18.14 -1.42
C LEU A 408 -15.31 -17.65 -2.16
N ALA A 409 -16.47 -18.06 -1.68
CA ALA A 409 -17.73 -17.50 -2.18
C ALA A 409 -18.75 -17.45 -1.05
N LYS A 410 -19.74 -16.54 -1.19
CA LYS A 410 -20.89 -16.55 -0.29
C LYS A 410 -21.93 -17.57 -0.76
N VAL A 411 -22.47 -18.35 0.19
CA VAL A 411 -23.56 -19.31 -0.07
C VAL A 411 -24.61 -19.03 0.98
N GLY A 412 -25.68 -18.35 0.61
CA GLY A 412 -26.69 -17.96 1.58
C GLY A 412 -26.06 -17.10 2.67
N ASN A 413 -26.20 -17.54 3.91
CA ASN A 413 -25.65 -16.81 5.03
C ASN A 413 -24.22 -17.21 5.36
N ASP A 414 -23.66 -18.18 4.63
CA ASP A 414 -22.38 -18.77 4.95
C ASP A 414 -21.34 -18.37 3.93
N LEU A 415 -20.12 -18.85 4.16
CA LEU A 415 -19.02 -18.85 3.21
C LEU A 415 -18.67 -20.27 2.82
N VAL A 416 -18.04 -20.41 1.66
N VAL A 416 -18.02 -20.39 1.67
CA VAL A 416 -17.49 -21.68 1.21
CA VAL A 416 -17.49 -21.67 1.21
C VAL A 416 -16.09 -21.41 0.70
C VAL A 416 -16.10 -21.44 0.65
N VAL A 417 -15.19 -22.34 0.97
CA VAL A 417 -13.79 -22.25 0.54
C VAL A 417 -13.44 -23.56 -0.17
N THR A 418 -12.64 -23.49 -1.23
CA THR A 418 -12.15 -24.68 -1.92
C THR A 418 -10.88 -25.17 -1.23
N GLN A 419 -10.78 -26.49 -1.02
CA GLN A 419 -9.52 -27.08 -0.55
C GLN A 419 -8.80 -27.62 -1.78
N ALA A 420 -8.03 -26.74 -2.44
CA ALA A 420 -7.53 -27.03 -3.78
C ALA A 420 -6.37 -28.03 -3.80
N GLN A 421 -5.61 -28.10 -2.71
CA GLN A 421 -4.42 -28.94 -2.68
C GLN A 421 -3.53 -28.72 -3.90
N LEU A 422 -3.41 -27.45 -4.33
CA LEU A 422 -2.63 -27.16 -5.54
C LEU A 422 -1.16 -27.43 -5.32
N ASP A 423 -0.70 -27.46 -4.08
CA ASP A 423 0.69 -27.84 -3.83
C ASP A 423 0.93 -29.32 -4.14
N ARG A 424 -0.12 -30.10 -4.37
CA ARG A 424 -0.04 -31.51 -4.69
C ARG A 424 -0.35 -31.79 -6.15
N ILE A 425 -0.51 -30.76 -6.99
CA ILE A 425 -0.87 -31.04 -8.37
C ILE A 425 0.32 -31.71 -9.05
N GLY A 426 0.07 -32.80 -9.76
CA GLY A 426 1.14 -33.65 -10.27
C GLY A 426 1.73 -34.57 -9.22
N GLY A 427 1.22 -34.54 -7.99
CA GLY A 427 1.74 -35.36 -6.91
C GLY A 427 0.66 -36.24 -6.30
N THR A 428 0.64 -36.34 -4.96
CA THR A 428 -0.24 -37.27 -4.25
C THR A 428 -1.19 -36.52 -3.33
N PRO A 429 -2.29 -36.00 -3.87
CA PRO A 429 -3.28 -35.33 -3.01
C PRO A 429 -4.04 -36.32 -2.14
N GLU A 430 -4.60 -35.80 -1.05
CA GLU A 430 -5.56 -36.52 -0.22
C GLU A 430 -6.91 -36.54 -0.90
N THR A 431 -7.59 -37.67 -0.88
CA THR A 431 -8.92 -37.73 -1.51
C THR A 431 -9.93 -38.20 -0.47
N PRO A 432 -11.20 -37.87 -0.64
CA PRO A 432 -11.78 -37.02 -1.69
C PRO A 432 -11.37 -35.54 -1.55
N PHE A 433 -11.29 -34.85 -2.68
CA PHE A 433 -11.23 -33.39 -2.68
C PHE A 433 -12.51 -32.81 -2.11
N LYS A 434 -12.41 -31.64 -1.51
CA LYS A 434 -13.61 -31.12 -0.89
C LYS A 434 -13.64 -29.61 -0.94
N LEU A 435 -14.87 -29.10 -0.86
CA LEU A 435 -15.19 -27.72 -0.53
C LEU A 435 -15.73 -27.71 0.91
N THR A 436 -15.52 -26.60 1.63
CA THR A 436 -15.93 -26.53 3.03
C THR A 436 -16.75 -25.27 3.27
N ARG A 437 -17.94 -25.45 3.84
CA ARG A 437 -18.90 -24.39 4.08
C ARG A 437 -18.94 -24.08 5.57
N PHE A 438 -18.95 -22.79 5.93
CA PHE A 438 -18.70 -22.37 7.30
C PHE A 438 -19.33 -21.01 7.56
N ALA A 439 -19.55 -20.69 8.83
CA ALA A 439 -20.15 -19.39 9.18
C ALA A 439 -19.19 -18.25 8.93
N LYS A 440 -19.75 -17.09 8.59
CA LYS A 440 -18.96 -15.88 8.59
C LYS A 440 -18.40 -15.65 10.00
N PHE A 441 -17.32 -14.89 10.07
N PHE A 441 -17.32 -14.88 10.05
CA PHE A 441 -16.69 -14.67 11.36
CA PHE A 441 -16.67 -14.59 11.32
C PHE A 441 -16.01 -13.29 11.45
C PHE A 441 -16.00 -13.20 11.25
N THR B 4 -11.81 16.15 2.22
CA THR B 4 -11.38 16.38 3.59
C THR B 4 -11.00 17.85 3.80
N PRO B 5 -11.70 18.52 4.70
CA PRO B 5 -11.42 19.94 4.94
C PRO B 5 -10.08 20.14 5.62
N LEU B 6 -9.58 21.36 5.54
CA LEU B 6 -8.28 21.71 6.11
C LEU B 6 -8.45 22.08 7.58
N SER B 7 -7.88 21.26 8.45
CA SER B 7 -8.00 21.50 9.88
C SER B 7 -6.73 21.07 10.59
N ALA B 8 -6.61 21.49 11.84
CA ALA B 8 -5.43 21.22 12.64
C ALA B 8 -5.84 21.15 14.10
N THR B 9 -5.04 20.43 14.89
CA THR B 9 -5.28 20.24 16.30
C THR B 9 -3.99 20.51 17.07
N ALA B 10 -4.11 21.16 18.22
CA ALA B 10 -2.99 21.30 19.15
C ALA B 10 -3.40 20.71 20.48
N ALA B 11 -2.71 19.66 20.90
CA ALA B 11 -2.88 19.09 22.23
C ALA B 11 -2.12 19.95 23.23
N LEU B 12 -2.85 20.58 24.15
CA LEU B 12 -2.26 21.54 25.08
C LEU B 12 -1.71 20.81 26.30
N ARG B 13 -0.42 21.00 26.57
CA ARG B 13 0.29 20.34 27.67
C ARG B 13 0.73 21.39 28.70
N ASP B 14 0.89 20.94 29.95
CA ASP B 14 1.47 21.80 30.97
C ASP B 14 2.98 21.57 31.07
N GLY B 15 3.62 22.25 32.02
CA GLY B 15 5.07 22.12 32.15
C GLY B 15 5.52 20.71 32.48
N ALA B 16 4.69 19.97 33.21
CA ALA B 16 4.99 18.57 33.53
C ALA B 16 4.71 17.63 32.37
N GLY B 17 4.18 18.12 31.26
CA GLY B 17 3.90 17.28 30.11
C GLY B 17 2.54 16.62 30.09
N GLN B 18 1.67 16.92 31.04
CA GLN B 18 0.33 16.37 31.02
C GLN B 18 -0.54 17.16 30.04
N VAL B 19 -1.33 16.43 29.25
CA VAL B 19 -2.26 17.04 28.30
C VAL B 19 -3.48 17.52 29.07
N VAL B 20 -3.74 18.83 29.02
CA VAL B 20 -4.77 19.48 29.82
C VAL B 20 -5.83 20.14 28.96
N GLY B 21 -5.84 19.88 27.67
CA GLY B 21 -6.82 20.52 26.80
C GLY B 21 -6.47 20.29 25.35
N SER B 22 -7.20 21.01 24.50
CA SER B 22 -7.08 20.85 23.06
C SER B 22 -7.56 22.12 22.36
N ALA B 23 -6.86 22.50 21.30
CA ALA B 23 -7.30 23.57 20.42
C ALA B 23 -7.50 22.96 19.03
N ARG B 24 -8.60 23.32 18.40
CA ARG B 24 -8.92 22.86 17.06
C ARG B 24 -9.11 24.05 16.14
N PHE B 25 -8.54 23.94 14.95
CA PHE B 25 -8.56 25.00 13.95
C PHE B 25 -9.19 24.42 12.69
N VAL B 26 -10.18 25.13 12.11
CA VAL B 26 -10.79 24.69 10.87
C VAL B 26 -10.77 25.86 9.90
N GLN B 27 -10.17 25.67 8.73
CA GLN B 27 -10.13 26.76 7.75
C GLN B 27 -11.51 26.98 7.18
N GLN B 28 -11.96 28.24 7.20
CA GLN B 28 -13.23 28.65 6.62
C GLN B 28 -12.92 29.82 5.68
N GLY B 29 -12.75 29.51 4.39
CA GLY B 29 -12.39 30.52 3.42
C GLY B 29 -11.08 31.16 3.81
N ALA B 30 -11.10 32.49 4.02
CA ALA B 30 -9.92 33.20 4.46
C ALA B 30 -9.73 33.13 5.98
N GLY B 31 -10.78 32.76 6.72
CA GLY B 31 -10.73 32.73 8.16
C GLY B 31 -10.58 31.33 8.72
N VAL B 32 -10.18 31.27 9.98
CA VAL B 32 -10.01 30.01 10.71
C VAL B 32 -10.98 29.98 11.89
N GLN B 33 -11.82 28.95 11.94
CA GLN B 33 -12.66 28.70 13.10
C GLN B 33 -11.83 28.00 14.16
N VAL B 34 -11.75 28.60 15.34
CA VAL B 34 -10.91 28.16 16.44
C VAL B 34 -11.81 27.75 17.59
N THR B 35 -11.56 26.57 18.16
CA THR B 35 -12.28 26.10 19.33
C THR B 35 -11.26 25.63 20.36
N VAL B 36 -11.33 26.18 21.58
CA VAL B 36 -10.35 25.88 22.62
C VAL B 36 -11.09 25.30 23.83
N ASP B 37 -10.54 24.22 24.38
CA ASP B 37 -11.07 23.59 25.58
C ASP B 37 -9.86 23.24 26.45
N VAL B 38 -9.71 23.87 27.60
CA VAL B 38 -8.55 23.61 28.45
C VAL B 38 -8.95 23.76 29.91
N ARG B 39 -8.37 22.91 30.76
CA ARG B 39 -8.65 22.87 32.19
C ARG B 39 -7.37 23.15 32.98
N GLY B 40 -7.56 23.45 34.26
CA GLY B 40 -6.45 23.64 35.16
C GLY B 40 -5.84 25.03 35.18
N LEU B 41 -6.51 26.02 34.59
CA LEU B 41 -5.97 27.37 34.57
C LEU B 41 -6.54 28.20 35.72
N THR B 42 -5.84 29.27 36.05
CA THR B 42 -6.34 30.14 37.08
C THR B 42 -7.47 31.02 36.53
N PRO B 43 -8.50 31.29 37.33
CA PRO B 43 -9.62 32.09 36.83
C PRO B 43 -9.14 33.48 36.41
N GLY B 44 -9.76 34.00 35.35
CA GLY B 44 -9.39 35.30 34.83
C GLY B 44 -9.00 35.25 33.37
N MET B 45 -8.30 36.28 32.91
CA MET B 45 -7.86 36.37 31.52
C MET B 45 -6.44 35.84 31.37
N HIS B 46 -6.19 35.11 30.28
CA HIS B 46 -4.91 34.45 30.09
C HIS B 46 -4.24 34.80 28.78
N GLY B 47 -4.96 34.75 27.67
CA GLY B 47 -4.39 35.18 26.41
C GLY B 47 -3.65 34.06 25.70
N MET B 48 -3.96 33.89 24.42
CA MET B 48 -3.40 32.81 23.61
C MET B 48 -3.10 33.33 22.21
N HIS B 49 -1.86 33.17 21.80
CA HIS B 49 -1.43 33.56 20.46
C HIS B 49 -0.50 32.48 19.94
N VAL B 50 -0.22 32.56 18.65
CA VAL B 50 0.68 31.60 18.00
C VAL B 50 2.13 32.01 18.23
N HIS B 51 2.96 31.04 18.63
CA HIS B 51 4.41 31.24 18.64
C HIS B 51 5.07 30.54 17.47
N GLU B 52 6.31 30.94 17.19
CA GLU B 52 6.88 30.69 15.86
C GLU B 52 7.28 29.23 15.65
N PHE B 53 7.72 28.51 16.70
CA PHE B 53 8.24 27.15 16.55
C PHE B 53 7.26 26.12 17.10
N GLY B 54 7.20 24.97 16.42
CA GLY B 54 6.36 23.87 16.83
C GLY B 54 7.05 22.95 17.82
N ARG B 55 7.45 23.51 18.95
CA ARG B 55 8.06 22.77 20.06
C ARG B 55 7.56 23.33 21.38
N CYS B 56 7.26 22.44 22.32
CA CYS B 56 6.75 22.85 23.62
C CYS B 56 7.64 22.40 24.75
N THR B 57 8.90 22.14 24.47
CA THR B 57 9.88 21.70 25.45
C THR B 57 10.58 22.91 26.05
N PRO B 58 11.38 22.73 27.10
CA PRO B 58 12.10 23.87 27.68
C PRO B 58 13.17 24.38 26.74
N GLY B 59 13.46 25.66 26.83
CA GLY B 59 14.48 26.28 25.98
C GLY B 59 15.44 27.19 26.69
N VAL B 68 13.51 28.48 30.62
CA VAL B 68 12.11 28.63 31.02
C VAL B 68 11.22 27.56 30.39
N PRO B 69 10.10 27.25 31.04
CA PRO B 69 9.16 26.28 30.45
C PRO B 69 8.60 26.80 29.13
N PHE B 70 8.50 25.89 28.16
CA PHE B 70 7.98 26.21 26.83
C PHE B 70 8.83 27.25 26.13
N GLY B 71 10.11 27.35 26.48
CA GLY B 71 10.98 28.30 25.81
C GLY B 71 11.26 27.92 24.38
N ALA B 72 11.28 26.63 24.08
CA ALA B 72 11.55 26.16 22.72
C ALA B 72 10.48 26.59 21.71
N ALA B 73 9.34 27.11 22.16
CA ALA B 73 8.32 27.60 21.24
C ALA B 73 8.75 28.87 20.54
N GLY B 74 9.83 29.49 20.97
CA GLY B 74 10.29 30.69 20.33
C GLY B 74 9.42 31.87 20.70
N GLY B 75 9.57 32.94 19.92
CA GLY B 75 8.86 34.16 20.17
C GLY B 75 7.48 34.17 19.57
N HIS B 76 6.81 35.30 19.76
CA HIS B 76 5.46 35.51 19.23
C HIS B 76 5.51 35.56 17.71
N PHE B 77 4.62 34.83 17.05
CA PHE B 77 4.54 34.84 15.59
C PHE B 77 3.49 35.86 15.15
N ASP B 78 3.91 36.90 14.44
CA ASP B 78 2.95 37.90 13.95
C ASP B 78 2.88 37.97 12.41
N PRO B 101 -9.79 38.09 21.42
CA PRO B 101 -9.00 36.88 21.18
C PRO B 101 -8.33 36.39 22.46
N MET B 102 -9.01 36.57 23.59
CA MET B 102 -8.48 36.23 24.90
C MET B 102 -9.28 35.09 25.50
N LEU B 103 -8.59 34.18 26.19
CA LEU B 103 -9.21 32.99 26.75
C LEU B 103 -9.81 33.32 28.11
N SER B 104 -11.08 32.99 28.29
CA SER B 104 -11.79 33.28 29.52
C SER B 104 -11.89 32.03 30.39
N VAL B 105 -11.32 32.11 31.61
CA VAL B 105 -11.30 31.00 32.55
C VAL B 105 -12.21 31.33 33.72
N GLY B 106 -13.20 30.47 33.96
CA GLY B 106 -14.12 30.63 35.07
C GLY B 106 -13.53 30.15 36.38
N ALA B 107 -14.41 30.10 37.39
CA ALA B 107 -13.99 29.66 38.71
C ALA B 107 -13.62 28.18 38.71
N ASP B 108 -14.19 27.40 37.78
CA ASP B 108 -13.93 25.97 37.70
C ASP B 108 -12.60 25.64 37.04
N GLY B 109 -11.80 26.66 36.69
CA GLY B 109 -10.51 26.45 36.08
C GLY B 109 -10.55 26.08 34.61
N VAL B 110 -11.73 26.14 33.98
CA VAL B 110 -11.91 25.75 32.59
C VAL B 110 -11.88 26.98 31.71
N GLY B 111 -11.05 26.95 30.67
CA GLY B 111 -11.03 27.99 29.65
C GLY B 111 -11.74 27.49 28.41
N LYS B 112 -12.64 28.32 27.89
CA LYS B 112 -13.50 27.97 26.77
C LYS B 112 -13.50 29.12 25.76
N ALA B 113 -13.29 28.80 24.49
CA ALA B 113 -13.35 29.82 23.46
C ALA B 113 -13.86 29.20 22.17
N SER B 114 -14.57 30.00 21.39
CA SER B 114 -15.05 29.53 20.09
C SER B 114 -15.28 30.79 19.26
N PHE B 115 -14.41 31.03 18.29
CA PHE B 115 -14.47 32.24 17.50
C PHE B 115 -13.90 31.95 16.12
N THR B 116 -14.08 32.93 15.23
CA THR B 116 -13.49 32.93 13.91
C THR B 116 -12.48 34.06 13.83
N SER B 117 -11.29 33.76 13.32
CA SER B 117 -10.22 34.74 13.20
C SER B 117 -9.87 34.92 11.73
N THR B 118 -9.72 36.18 11.31
CA THR B 118 -9.22 36.50 9.99
C THR B 118 -7.74 36.85 10.01
N LYS B 119 -7.13 36.84 11.19
CA LYS B 119 -5.71 37.17 11.36
C LYS B 119 -4.80 35.95 11.37
N ILE B 120 -5.36 34.74 11.32
CA ILE B 120 -4.55 33.53 11.19
C ILE B 120 -5.07 32.71 10.02
N SER B 121 -4.23 31.81 9.53
CA SER B 121 -4.60 30.92 8.46
C SER B 121 -3.86 29.60 8.64
N LEU B 122 -4.45 28.53 8.12
CA LEU B 122 -3.75 27.25 8.09
C LEU B 122 -2.98 27.03 6.79
N THR B 123 -2.98 28.00 5.88
CA THR B 123 -2.31 27.81 4.60
C THR B 123 -1.63 29.10 4.18
N GLY B 124 -0.89 29.03 3.05
CA GLY B 124 -0.24 30.22 2.55
C GLY B 124 0.97 30.66 3.35
N GLU B 125 1.46 31.86 2.98
CA GLU B 125 2.73 32.39 3.48
C GLU B 125 2.76 32.53 4.99
N ASN B 126 1.62 32.84 5.61
CA ASN B 126 1.58 33.04 7.06
C ASN B 126 0.88 31.89 7.77
N GLY B 127 0.79 30.71 7.14
CA GLY B 127 0.10 29.60 7.78
C GLY B 127 0.78 29.18 9.06
N ILE B 128 -0.03 28.65 9.99
CA ILE B 128 0.45 28.35 11.33
C ILE B 128 0.64 26.86 11.56
N LEU B 129 0.57 26.02 10.51
CA LEU B 129 0.80 24.60 10.74
C LEU B 129 2.24 24.39 11.20
N ASN B 130 2.41 23.50 12.18
CA ASN B 130 3.69 23.20 12.79
C ASN B 130 4.27 24.40 13.54
N ARG B 131 3.47 25.40 13.85
CA ARG B 131 3.85 26.39 14.84
C ARG B 131 3.22 25.95 16.17
N SER B 132 3.19 26.83 17.16
CA SER B 132 2.66 26.43 18.46
C SER B 132 1.62 27.44 18.93
N LEU B 133 0.68 26.95 19.75
CA LEU B 133 -0.28 27.80 20.44
C LEU B 133 0.09 27.84 21.92
N VAL B 134 0.29 29.03 22.45
CA VAL B 134 0.76 29.23 23.81
C VAL B 134 -0.30 30.00 24.58
N ILE B 135 -0.61 29.54 25.79
CA ILE B 135 -1.53 30.23 26.68
C ILE B 135 -0.72 30.81 27.82
N HIS B 136 -0.85 32.11 28.04
CA HIS B 136 -0.07 32.81 29.05
C HIS B 136 -0.89 33.03 30.33
N ALA B 137 -0.25 33.66 31.30
CA ALA B 137 -0.88 33.96 32.59
C ALA B 137 -1.63 35.29 32.53
N ALA B 152 4.25 35.01 31.60
CA ALA B 152 4.78 33.65 31.64
C ALA B 152 3.93 32.71 30.79
N ARG B 153 4.55 31.64 30.30
CA ARG B 153 3.86 30.64 29.48
C ARG B 153 3.34 29.52 30.36
N GLU B 154 2.02 29.32 30.38
CA GLU B 154 1.42 28.30 31.22
C GLU B 154 1.06 27.04 30.46
N ARG B 155 0.64 27.16 29.20
CA ARG B 155 0.23 26.02 28.40
C ARG B 155 0.76 26.17 26.98
N CYS B 156 1.03 25.03 26.33
CA CYS B 156 1.59 25.04 24.99
C CYS B 156 1.18 23.80 24.22
N GLY B 157 0.95 23.97 22.93
CA GLY B 157 0.65 22.84 22.06
C GLY B 157 1.16 23.09 20.65
N VAL B 158 1.59 22.03 20.01
CA VAL B 158 2.07 22.09 18.63
C VAL B 158 0.87 21.93 17.70
N ILE B 159 0.75 22.83 16.74
CA ILE B 159 -0.37 22.82 15.80
C ILE B 159 -0.09 21.79 14.70
N VAL B 160 -0.86 20.70 14.68
CA VAL B 160 -0.59 19.58 13.81
C VAL B 160 -1.74 19.44 12.81
N ARG B 161 -1.41 19.41 11.52
CA ARG B 161 -2.40 19.14 10.48
C ARG B 161 -3.16 17.83 10.75
N ASP B 162 -4.49 17.90 10.64
CA ASP B 162 -5.35 16.71 10.82
C ASP B 162 -5.42 15.85 9.57
N GLY B 163 -5.39 14.54 9.76
CA GLY B 163 -5.73 13.63 8.68
C GLY B 163 -4.72 13.56 7.55
N LEU B 164 -3.45 13.87 7.82
CA LEU B 164 -2.45 13.90 6.77
C LEU B 164 -1.13 13.43 7.37
N SER B 165 -0.60 12.33 6.88
CA SER B 165 0.68 11.82 7.36
C SER B 165 1.81 12.25 6.41
N VAL B 166 2.92 12.68 7.00
CA VAL B 166 4.10 13.05 6.25
C VAL B 166 5.29 12.48 6.98
N ARG B 167 6.40 12.39 6.27
CA ARG B 167 7.64 11.97 6.93
C ARG B 167 8.70 13.01 6.62
N ASP B 168 9.29 13.59 7.66
CA ASP B 168 10.36 14.57 7.48
C ASP B 168 11.69 13.86 7.52
N TYR B 169 12.61 14.24 6.62
CA TYR B 169 13.99 13.78 6.66
C TYR B 169 14.85 14.98 7.00
N ALA B 170 15.46 14.97 8.17
CA ALA B 170 16.27 16.09 8.60
C ALA B 170 17.69 15.98 8.05
N LEU B 171 18.29 17.12 7.74
CA LEU B 171 19.69 17.21 7.33
C LEU B 171 20.53 17.77 8.49
N PRO B 172 21.84 17.52 8.50
CA PRO B 172 22.64 17.87 9.68
C PRO B 172 23.27 19.27 9.75
N GLY B 173 23.30 20.05 8.68
CA GLY B 173 24.14 21.25 8.68
C GLY B 173 23.41 22.55 9.04
N PRO B 174 24.16 23.55 9.52
CA PRO B 174 23.52 24.81 9.92
C PRO B 174 23.09 25.68 8.77
N VAL B 175 23.63 25.50 7.57
CA VAL B 175 23.26 26.34 6.44
C VAL B 175 23.03 25.49 5.20
N ASP B 176 22.37 24.34 5.37
CA ASP B 176 22.25 23.39 4.26
C ASP B 176 21.44 23.96 3.09
N HIS B 177 20.29 24.57 3.36
CA HIS B 177 19.42 25.12 2.33
C HIS B 177 19.24 24.13 1.16
N PRO B 178 18.67 22.96 1.41
CA PRO B 178 18.43 21.99 0.34
C PRO B 178 17.45 22.55 -0.69
N GLU B 179 17.87 22.59 -1.95
CA GLU B 179 17.07 23.21 -2.99
C GLU B 179 16.52 22.16 -3.95
N GLY B 180 17.40 21.42 -4.62
CA GLY B 180 16.95 20.39 -5.55
C GLY B 180 16.88 19.04 -4.88
N VAL B 181 16.07 18.16 -5.45
CA VAL B 181 15.90 16.81 -4.93
C VAL B 181 15.67 15.86 -6.10
N ALA B 182 16.23 14.66 -5.99
CA ALA B 182 16.07 13.60 -6.99
C ALA B 182 16.18 12.26 -6.31
N TYR B 183 15.71 11.21 -6.97
CA TYR B 183 15.64 9.89 -6.34
C TYR B 183 16.23 8.86 -7.29
N ASP B 184 17.08 7.99 -6.77
CA ASP B 184 17.56 6.81 -7.51
C ASP B 184 16.88 5.60 -6.88
N ALA B 185 15.86 5.07 -7.57
CA ALA B 185 15.09 3.94 -7.04
C ALA B 185 15.92 2.67 -6.92
N LYS B 186 16.92 2.50 -7.79
CA LYS B 186 17.78 1.32 -7.67
C LYS B 186 18.60 1.35 -6.40
N LYS B 187 19.10 2.52 -6.00
CA LYS B 187 19.89 2.62 -4.79
C LYS B 187 19.04 2.93 -3.57
N GLY B 188 17.78 3.31 -3.76
CA GLY B 188 16.94 3.74 -2.65
C GLY B 188 17.42 5.01 -1.98
N LEU B 189 18.09 5.89 -2.73
CA LEU B 189 18.70 7.10 -2.18
C LEU B 189 17.99 8.33 -2.71
N ILE B 190 17.65 9.24 -1.81
CA ILE B 190 17.22 10.57 -2.17
C ILE B 190 18.44 11.48 -2.17
N TYR B 191 18.67 12.20 -3.25
CA TYR B 191 19.76 13.15 -3.33
C TYR B 191 19.20 14.54 -3.14
N THR B 192 19.90 15.40 -2.38
CA THR B 192 19.44 16.79 -2.31
C THR B 192 20.67 17.66 -2.12
N GLY B 193 20.69 18.84 -2.77
CA GLY B 193 21.90 19.65 -2.82
C GLY B 193 21.74 20.98 -2.12
N SER B 194 22.84 21.47 -1.58
CA SER B 194 22.84 22.74 -0.84
C SER B 194 22.96 23.91 -1.80
N ALA B 195 21.98 24.81 -1.74
CA ALA B 195 22.08 26.05 -2.50
C ALA B 195 23.16 26.96 -1.95
N GLN B 196 23.61 26.73 -0.72
CA GLN B 196 24.62 27.58 -0.12
C GLN B 196 26.04 27.14 -0.49
N ASN B 197 26.32 25.83 -0.44
CA ASN B 197 27.72 25.45 -0.64
C ASN B 197 27.91 24.29 -1.62
N GLY B 198 26.86 23.81 -2.28
CA GLY B 198 27.04 22.82 -3.32
C GLY B 198 27.12 21.38 -2.86
N THR B 199 27.17 21.12 -1.55
CA THR B 199 27.18 19.74 -1.07
C THR B 199 25.95 18.98 -1.51
N ILE B 200 26.15 17.75 -1.97
CA ILE B 200 25.03 16.84 -2.25
C ILE B 200 24.95 15.83 -1.12
N TYR B 201 23.81 15.77 -0.47
CA TYR B 201 23.54 14.76 0.53
C TYR B 201 22.80 13.61 -0.12
N ALA B 202 23.05 12.40 0.37
CA ALA B 202 22.26 11.23 0.00
C ALA B 202 21.52 10.74 1.24
N ILE B 203 20.21 10.51 1.10
CA ILE B 203 19.39 10.10 2.23
C ILE B 203 18.82 8.72 1.91
N ASN B 204 19.03 7.77 2.80
CA ASN B 204 18.43 6.45 2.61
C ASN B 204 16.94 6.61 2.84
N ALA B 205 16.13 6.40 1.79
CA ALA B 205 14.70 6.72 1.93
C ALA B 205 14.04 5.84 2.99
N GLN B 206 14.52 4.62 3.19
CA GLN B 206 13.90 3.75 4.17
C GLN B 206 14.36 4.10 5.57
N SER B 207 15.68 4.17 5.78
CA SER B 207 16.18 4.31 7.13
C SER B 207 16.29 5.75 7.60
N GLY B 208 16.33 6.72 6.67
CA GLY B 208 16.57 8.10 7.04
C GLY B 208 18.02 8.45 7.28
N ALA B 209 18.95 7.50 7.14
CA ALA B 209 20.36 7.80 7.33
C ALA B 209 20.86 8.77 6.26
N VAL B 210 21.67 9.75 6.66
CA VAL B 210 22.17 10.79 5.76
C VAL B 210 23.68 10.63 5.59
N THR B 211 24.14 10.68 4.34
CA THR B 211 25.56 10.71 4.07
C THR B 211 25.85 11.86 3.11
N LYS B 212 27.11 12.26 2.97
CA LYS B 212 27.46 13.25 1.95
C LYS B 212 27.84 12.49 0.70
N PHE B 213 27.02 12.61 -0.34
CA PHE B 213 27.33 11.99 -1.63
C PHE B 213 28.54 12.65 -2.26
N GLN B 214 28.57 13.99 -2.29
CA GLN B 214 29.77 14.71 -2.70
C GLN B 214 29.76 16.07 -2.04
N GLU B 215 30.79 16.37 -1.26
CA GLU B 215 30.94 17.70 -0.67
C GLU B 215 31.14 18.74 -1.76
N GLY B 216 30.60 19.92 -1.54
CA GLY B 216 30.74 21.00 -2.49
C GLY B 216 32.04 21.76 -2.28
N GLY B 217 32.26 22.76 -3.14
CA GLY B 217 33.37 23.69 -2.98
C GLY B 217 34.32 23.71 -4.17
N ALA B 218 34.41 22.61 -4.91
CA ALA B 218 35.25 22.59 -6.12
C ALA B 218 34.67 23.46 -7.23
N TYR B 219 35.50 23.68 -8.24
CA TYR B 219 35.07 24.44 -9.41
C TYR B 219 33.78 23.86 -10.00
N GLY B 220 32.81 24.73 -10.27
CA GLY B 220 31.54 24.25 -10.78
C GLY B 220 30.64 23.61 -9.75
N ARG B 221 31.11 23.47 -8.50
CA ARG B 221 30.43 22.69 -7.47
C ARG B 221 30.24 23.51 -6.20
N GLN B 222 30.16 24.82 -6.32
CA GLN B 222 29.97 25.65 -5.14
C GLN B 222 28.52 25.93 -4.81
N VAL B 223 27.61 25.61 -5.72
CA VAL B 223 26.17 25.82 -5.54
C VAL B 223 25.48 24.68 -6.21
N ALA B 224 24.45 24.10 -5.57
CA ALA B 224 23.67 23.04 -6.20
C ALA B 224 22.20 23.41 -6.15
N LEU B 225 21.57 23.55 -7.33
CA LEU B 225 20.15 23.85 -7.36
C LEU B 225 19.39 22.64 -7.90
N GLY B 226 18.65 22.82 -8.98
CA GLY B 226 17.90 21.67 -9.51
C GLY B 226 18.74 20.42 -9.74
N LEU B 227 18.19 19.25 -9.37
CA LEU B 227 18.85 17.97 -9.54
C LEU B 227 17.97 17.00 -10.33
N LYS B 228 18.61 16.15 -11.10
CA LYS B 228 17.92 15.02 -11.72
C LYS B 228 18.87 13.83 -11.74
N VAL B 229 18.32 12.62 -11.61
CA VAL B 229 19.07 11.40 -11.80
C VAL B 229 18.70 10.87 -13.20
N ASP B 230 19.70 10.58 -14.04
CA ASP B 230 19.42 10.07 -15.38
C ASP B 230 19.33 8.54 -15.34
N PRO B 231 18.96 7.89 -16.46
CA PRO B 231 18.78 6.43 -16.41
C PRO B 231 20.05 5.66 -16.07
N GLN B 232 21.23 6.26 -16.25
CA GLN B 232 22.46 5.60 -15.84
C GLN B 232 22.78 5.80 -14.36
N GLY B 233 21.93 6.48 -13.61
CA GLY B 233 22.26 6.77 -12.23
C GLY B 233 23.15 7.97 -12.04
N ARG B 234 23.45 8.72 -13.10
CA ARG B 234 24.28 9.91 -12.97
C ARG B 234 23.44 11.04 -12.41
N LEU B 235 24.05 11.89 -11.60
CA LEU B 235 23.35 13.02 -11.01
C LEU B 235 23.69 14.31 -11.77
N TRP B 236 22.67 14.99 -12.29
CA TRP B 236 22.84 16.23 -13.02
C TRP B 236 22.48 17.41 -12.12
N ILE B 237 23.31 18.47 -12.11
CA ILE B 237 23.19 19.51 -11.08
C ILE B 237 23.19 20.88 -11.75
N ALA B 238 22.11 21.62 -11.60
CA ALA B 238 22.10 23.02 -12.00
C ALA B 238 22.96 23.86 -11.05
N GLY B 239 23.80 24.74 -11.61
CA GLY B 239 24.84 25.41 -10.85
C GLY B 239 24.57 26.83 -10.38
N GLY B 240 23.36 27.37 -10.58
CA GLY B 240 23.06 28.68 -10.03
C GLY B 240 23.90 29.77 -10.68
N ALA B 241 24.36 30.69 -9.83
CA ALA B 241 25.17 31.82 -10.30
C ALA B 241 26.54 31.41 -10.81
N GLN B 242 26.94 30.12 -10.72
CA GLN B 242 28.17 29.72 -11.38
C GLN B 242 27.97 29.63 -12.88
N GLY B 243 26.73 29.49 -13.31
CA GLY B 243 26.44 29.32 -14.73
C GLY B 243 26.79 27.96 -15.29
N THR B 244 26.94 26.94 -14.45
CA THR B 244 27.38 25.61 -14.85
C THR B 244 26.26 24.59 -14.75
N VAL B 245 26.44 23.49 -15.49
CA VAL B 245 25.71 22.24 -15.27
C VAL B 245 26.75 21.18 -14.97
N SER B 246 26.63 20.51 -13.83
CA SER B 246 27.62 19.52 -13.46
C SER B 246 26.98 18.13 -13.44
N ILE B 247 27.78 17.12 -13.77
CA ILE B 247 27.32 15.73 -13.83
C ILE B 247 28.22 14.88 -12.96
N LEU B 248 27.62 14.13 -12.04
CA LEU B 248 28.35 13.23 -11.16
C LEU B 248 28.03 11.80 -11.57
N THR B 249 29.04 10.94 -11.51
CA THR B 249 28.75 9.53 -11.73
C THR B 249 28.08 8.95 -10.49
N PRO B 250 27.46 7.78 -10.60
CA PRO B 250 26.72 7.26 -9.44
C PRO B 250 27.60 6.95 -8.26
N ASP B 251 28.93 6.87 -8.46
CA ASP B 251 29.89 6.68 -7.37
C ASP B 251 30.24 7.98 -6.67
N GLY B 252 29.81 9.12 -7.18
CA GLY B 252 30.09 10.39 -6.53
C GLY B 252 31.29 11.16 -7.05
N MET B 253 31.87 10.74 -8.16
CA MET B 253 32.95 11.52 -8.76
C MET B 253 32.36 12.48 -9.77
N THR B 254 33.03 13.62 -9.96
CA THR B 254 32.54 14.56 -10.96
C THR B 254 32.89 14.04 -12.34
N LEU B 255 31.89 13.91 -13.20
CA LEU B 255 32.13 13.48 -14.58
C LEU B 255 32.44 14.64 -15.49
N ALA B 256 31.70 15.74 -15.35
CA ALA B 256 31.88 16.88 -16.22
C ALA B 256 31.26 18.09 -15.55
N VAL B 257 31.88 19.25 -15.79
CA VAL B 257 31.32 20.56 -15.48
C VAL B 257 31.16 21.26 -16.82
N LEU B 258 29.92 21.51 -17.21
CA LEU B 258 29.60 22.16 -18.47
C LEU B 258 29.37 23.64 -18.23
N GLU B 259 30.02 24.49 -19.03
CA GLU B 259 29.88 25.93 -18.91
C GLU B 259 28.81 26.43 -19.86
N THR B 260 28.14 27.48 -19.47
CA THR B 260 27.34 28.26 -20.39
C THR B 260 28.12 29.50 -20.79
N PRO B 261 27.66 30.25 -21.79
CA PRO B 261 28.39 31.46 -22.21
C PRO B 261 28.59 32.43 -21.06
N LYS B 262 29.74 33.10 -21.10
CA LYS B 262 30.10 34.11 -20.11
C LYS B 262 29.39 35.40 -20.48
N SER B 263 28.30 35.69 -19.78
CA SER B 263 27.58 36.94 -19.86
C SER B 263 27.09 37.27 -18.47
N PRO B 264 26.74 38.53 -18.20
CA PRO B 264 26.42 38.91 -16.82
C PRO B 264 25.21 38.18 -16.25
N ARG B 265 25.27 37.95 -14.94
CA ARG B 265 24.21 37.46 -14.08
C ARG B 265 23.62 36.13 -14.55
N PRO B 266 24.44 35.09 -14.73
CA PRO B 266 23.89 33.76 -15.02
C PRO B 266 23.17 33.21 -13.81
N TYR B 267 22.14 32.40 -14.06
CA TYR B 267 21.50 31.72 -12.92
C TYR B 267 20.86 30.44 -13.46
N ILE B 268 21.68 29.40 -13.61
CA ILE B 268 21.22 28.10 -14.07
C ILE B 268 20.43 27.44 -12.96
N ASN B 269 19.13 27.23 -13.20
CA ASN B 269 18.19 27.01 -12.12
C ASN B 269 17.69 25.58 -12.03
N ASP B 270 17.18 25.02 -13.13
CA ASP B 270 16.64 23.68 -13.06
C ASP B 270 16.81 23.00 -14.41
N LEU B 271 16.52 21.69 -14.45
CA LEU B 271 16.70 20.97 -15.71
C LEU B 271 15.82 19.72 -15.67
N VAL B 272 15.61 19.14 -16.85
CA VAL B 272 14.79 17.93 -16.97
C VAL B 272 15.26 17.16 -18.19
N LEU B 273 15.21 15.83 -18.08
CA LEU B 273 15.54 14.92 -19.18
C LEU B 273 14.26 14.63 -19.95
N ALA B 274 14.25 14.91 -21.23
CA ALA B 274 13.06 14.66 -22.02
C ALA B 274 13.13 13.29 -22.68
N PRO B 275 12.00 12.77 -23.16
CA PRO B 275 12.01 11.47 -23.85
C PRO B 275 12.95 11.41 -25.05
N ASP B 276 13.33 12.53 -25.64
CA ASP B 276 14.26 12.51 -26.77
C ASP B 276 15.70 12.28 -26.37
N GLY B 277 15.98 12.12 -25.08
CA GLY B 277 17.31 11.90 -24.59
C GLY B 277 18.09 13.16 -24.28
N ASN B 278 17.50 14.33 -24.46
CA ASN B 278 18.19 15.58 -24.17
C ASN B 278 17.74 16.14 -22.83
N PHE B 279 18.67 16.79 -22.12
CA PHE B 279 18.34 17.61 -20.97
C PHE B 279 18.08 19.05 -21.44
N TYR B 280 17.03 19.66 -20.90
CA TYR B 280 16.72 21.05 -21.14
C TYR B 280 16.87 21.80 -19.83
N VAL B 281 17.48 22.98 -19.89
CA VAL B 281 18.00 23.67 -18.70
C VAL B 281 17.48 25.11 -18.69
N THR B 282 16.90 25.52 -17.57
CA THR B 282 16.43 26.89 -17.47
C THR B 282 17.49 27.79 -16.82
N ASP B 283 17.44 29.06 -17.20
CA ASP B 283 18.19 30.14 -16.57
C ASP B 283 17.17 31.19 -16.17
N SER B 284 17.05 31.45 -14.87
CA SER B 284 15.99 32.33 -14.39
C SER B 284 16.35 33.80 -14.49
N SER B 285 17.56 34.12 -14.96
CA SER B 285 18.03 35.49 -15.09
C SER B 285 18.24 35.93 -16.53
N ARG B 286 18.79 35.03 -17.36
CA ARG B 286 19.10 35.24 -18.78
C ARG B 286 18.07 34.56 -19.66
N PRO B 287 17.54 35.27 -20.65
CA PRO B 287 16.38 34.73 -21.40
C PRO B 287 16.77 33.70 -22.45
N VAL B 288 17.15 32.51 -21.99
CA VAL B 288 17.58 31.43 -22.88
C VAL B 288 17.31 30.10 -22.17
N ILE B 289 16.89 29.11 -22.95
CA ILE B 289 16.82 27.73 -22.52
C ILE B 289 17.96 26.98 -23.19
N PHE B 290 18.72 26.26 -22.38
CA PHE B 290 19.86 25.51 -22.88
C PHE B 290 19.47 24.04 -23.02
N ARG B 291 20.24 23.34 -23.85
CA ARG B 291 20.06 21.92 -24.11
C ARG B 291 21.39 21.20 -23.93
N VAL B 292 21.37 20.05 -23.28
CA VAL B 292 22.54 19.20 -23.21
C VAL B 292 22.19 17.88 -23.89
N ASP B 293 22.92 17.54 -24.95
CA ASP B 293 22.62 16.33 -25.70
C ASP B 293 23.38 15.14 -25.11
N LYS B 294 23.14 13.96 -25.69
CA LYS B 294 23.68 12.71 -25.16
C LYS B 294 25.20 12.68 -25.12
N ALA B 295 25.88 13.44 -25.98
CA ALA B 295 27.33 13.53 -25.96
C ALA B 295 27.84 14.55 -24.95
N LEU B 296 26.94 15.13 -24.15
CA LEU B 296 27.28 16.11 -23.11
C LEU B 296 27.74 17.43 -23.69
N LYS B 297 27.23 17.78 -24.87
CA LYS B 297 27.47 19.07 -25.48
C LYS B 297 26.31 20.00 -25.14
N LEU B 298 26.64 21.16 -24.54
CA LEU B 298 25.65 22.13 -24.11
C LEU B 298 25.55 23.25 -25.14
N THR B 299 24.33 23.55 -25.58
CA THR B 299 24.09 24.62 -26.54
C THR B 299 22.95 25.49 -26.07
N ALA B 300 22.96 26.75 -26.52
CA ALA B 300 21.78 27.59 -26.40
C ALA B 300 20.73 27.09 -27.38
N TRP B 301 19.58 26.66 -26.85
CA TRP B 301 18.59 25.99 -27.66
C TRP B 301 17.44 26.88 -28.08
N LEU B 302 16.98 27.75 -27.20
CA LEU B 302 15.91 28.70 -27.53
C LEU B 302 16.20 30.05 -26.91
N ASP B 303 16.41 31.06 -27.77
CA ASP B 303 16.48 32.45 -27.32
C ASP B 303 15.06 32.94 -27.08
N LEU B 304 14.77 33.38 -25.87
CA LEU B 304 13.42 33.73 -25.46
C LEU B 304 13.04 35.17 -25.80
N ALA B 305 14.00 36.01 -26.22
CA ALA B 305 13.70 37.41 -26.49
C ALA B 305 12.65 37.56 -27.60
N GLY B 306 12.69 36.69 -28.60
CA GLY B 306 11.71 36.77 -29.68
C GLY B 306 10.39 36.06 -29.42
N THR B 307 10.25 35.38 -28.29
CA THR B 307 9.05 34.64 -27.92
C THR B 307 8.12 35.48 -27.04
N PRO B 308 6.91 34.98 -26.75
CA PRO B 308 6.02 35.69 -25.81
C PRO B 308 6.47 35.68 -24.35
N ILE B 309 7.52 34.93 -24.01
CA ILE B 309 8.02 34.95 -22.64
C ILE B 309 8.85 36.22 -22.45
N LYS B 310 8.42 37.07 -21.51
CA LYS B 310 9.03 38.36 -21.22
C LYS B 310 9.80 38.24 -19.91
N TYR B 311 11.12 38.30 -19.97
CA TYR B 311 11.91 38.27 -18.74
C TYR B 311 11.84 39.61 -18.04
N GLY B 312 11.65 39.59 -16.72
CA GLY B 312 11.59 40.80 -15.93
C GLY B 312 12.43 40.70 -14.68
N PRO B 313 12.37 41.72 -13.81
CA PRO B 313 13.13 41.65 -12.55
C PRO B 313 12.75 40.43 -11.72
N GLY B 314 13.75 39.82 -11.11
CA GLY B 314 13.51 38.66 -10.27
C GLY B 314 13.73 37.36 -11.01
N VAL B 315 13.13 36.30 -10.47
CA VAL B 315 13.31 34.94 -10.97
C VAL B 315 12.31 34.70 -12.10
N ASN B 316 12.82 34.31 -13.27
CA ASN B 316 11.98 34.05 -14.43
C ASN B 316 11.71 32.56 -14.60
N LEU B 317 12.02 31.95 -15.75
CA LEU B 317 11.78 30.52 -15.86
C LEU B 317 12.62 29.79 -14.83
N ASN B 318 11.99 28.89 -14.08
CA ASN B 318 12.82 28.02 -13.25
C ASN B 318 12.37 26.56 -13.35
N GLY B 319 11.26 26.18 -12.75
CA GLY B 319 10.84 24.80 -12.87
C GLY B 319 10.56 24.42 -14.31
N ILE B 320 10.87 23.17 -14.65
CA ILE B 320 10.71 22.69 -16.03
C ILE B 320 10.40 21.21 -16.01
N ALA B 321 9.53 20.78 -16.93
CA ALA B 321 9.12 19.39 -17.03
C ALA B 321 8.99 19.06 -18.51
N ALA B 322 8.99 17.75 -18.79
CA ALA B 322 8.88 17.24 -20.16
C ALA B 322 7.68 16.31 -20.23
N THR B 323 6.81 16.56 -21.21
CA THR B 323 5.61 15.73 -21.31
C THR B 323 5.99 14.33 -21.77
N PRO B 324 5.31 13.28 -21.29
CA PRO B 324 5.80 11.92 -21.55
C PRO B 324 5.64 11.49 -22.99
N ASP B 325 4.75 12.13 -23.74
CA ASP B 325 4.63 11.85 -25.17
C ASP B 325 5.78 12.41 -26.01
N GLY B 326 6.71 13.16 -25.43
CA GLY B 326 7.85 13.68 -26.16
C GLY B 326 7.56 14.94 -26.95
N LYS B 327 6.38 15.51 -26.81
CA LYS B 327 5.97 16.63 -27.64
C LYS B 327 6.42 17.98 -27.08
N TYR B 328 6.41 18.15 -25.75
CA TYR B 328 6.48 19.49 -25.16
C TYR B 328 7.40 19.55 -23.94
N LEU B 329 7.83 20.77 -23.66
CA LEU B 329 8.34 21.19 -22.37
C LEU B 329 7.29 22.06 -21.69
N LEU B 330 7.23 21.98 -20.37
CA LEU B 330 6.44 22.88 -19.56
C LEU B 330 7.42 23.62 -18.64
N ALA B 331 7.29 24.93 -18.54
CA ALA B 331 8.19 25.73 -17.69
C ALA B 331 7.39 26.82 -17.01
N VAL B 332 7.63 27.01 -15.71
CA VAL B 332 6.91 28.02 -14.94
C VAL B 332 7.80 29.25 -14.74
N GLN B 333 7.23 30.42 -14.96
CA GLN B 333 7.91 31.69 -14.76
C GLN B 333 7.53 32.20 -13.38
N LEU B 334 8.49 32.22 -12.47
CA LEU B 334 8.14 32.46 -11.07
C LEU B 334 7.53 33.84 -10.88
N ASN B 335 8.12 34.87 -11.49
CA ASN B 335 7.73 36.23 -11.15
C ASN B 335 6.38 36.61 -11.75
N THR B 336 6.07 36.14 -12.97
CA THR B 336 4.76 36.40 -13.55
C THR B 336 3.72 35.35 -13.17
N GLY B 337 4.15 34.18 -12.71
CA GLY B 337 3.20 33.14 -12.39
C GLY B 337 2.65 32.42 -13.60
N GLU B 338 3.29 32.55 -14.75
CA GLU B 338 2.79 31.96 -15.98
C GLU B 338 3.43 30.61 -16.24
N LEU B 339 2.61 29.66 -16.67
CA LEU B 339 3.07 28.36 -17.11
C LEU B 339 3.10 28.34 -18.63
N TRP B 340 4.23 27.93 -19.19
CA TRP B 340 4.50 28.00 -20.62
C TRP B 340 4.66 26.60 -21.18
N ARG B 341 4.09 26.39 -22.36
CA ARG B 341 4.33 25.17 -23.10
C ARG B 341 5.26 25.49 -24.26
N ILE B 342 6.24 24.62 -24.49
CA ILE B 342 7.23 24.82 -25.55
C ILE B 342 7.30 23.55 -26.40
N ASP B 343 7.04 23.70 -27.70
CA ASP B 343 7.07 22.58 -28.63
C ASP B 343 8.51 22.18 -28.93
N LEU B 344 8.86 20.91 -28.64
CA LEU B 344 10.23 20.46 -28.79
C LEU B 344 10.69 20.40 -30.23
N LYS B 345 9.76 20.32 -31.19
CA LYS B 345 10.16 20.22 -32.58
C LYS B 345 10.22 21.57 -33.29
N THR B 346 9.26 22.46 -33.01
CA THR B 346 9.17 23.74 -33.69
C THR B 346 9.64 24.92 -32.84
N LYS B 347 9.80 24.73 -31.52
CA LYS B 347 10.16 25.75 -30.55
C LYS B 347 9.07 26.79 -30.35
N ALA B 348 7.85 26.53 -30.83
CA ALA B 348 6.73 27.44 -30.58
C ALA B 348 6.39 27.46 -29.08
N VAL B 349 5.93 28.60 -28.60
CA VAL B 349 5.66 28.83 -27.19
C VAL B 349 4.21 29.24 -27.04
N LYS B 350 3.50 28.61 -26.10
CA LYS B 350 2.11 28.92 -25.82
C LYS B 350 1.92 29.06 -24.31
N LYS B 351 1.24 30.11 -23.89
CA LYS B 351 0.88 30.22 -22.48
C LYS B 351 -0.20 29.20 -22.13
N VAL B 352 0.03 28.44 -21.07
CA VAL B 352 -0.92 27.44 -20.61
C VAL B 352 -1.91 28.03 -19.61
N MET B 353 -1.41 28.81 -18.64
CA MET B 353 -2.23 29.34 -17.57
C MET B 353 -1.42 30.41 -16.83
N ASP B 354 -2.12 31.10 -15.95
CA ASP B 354 -1.67 32.13 -15.03
C ASP B 354 -1.85 31.64 -13.60
N GLY B 355 -1.47 32.48 -12.64
CA GLY B 355 -1.84 32.25 -11.26
C GLY B 355 -0.87 31.43 -10.45
N LEU B 356 0.34 31.18 -10.94
CA LEU B 356 1.32 30.38 -10.22
C LEU B 356 2.50 31.23 -9.75
N VAL B 357 2.22 32.47 -9.33
CA VAL B 357 3.30 33.33 -8.86
C VAL B 357 4.01 32.62 -7.73
N ASN B 358 5.34 32.74 -7.71
CA ASN B 358 6.24 32.04 -6.79
C ASN B 358 6.37 30.56 -7.09
N GLY B 359 5.86 30.12 -8.23
CA GLY B 359 6.02 28.73 -8.65
C GLY B 359 7.48 28.45 -8.95
N ASP B 360 7.99 27.36 -8.39
CA ASP B 360 9.41 26.99 -8.43
C ASP B 360 9.57 25.64 -9.14
N GLY B 361 9.84 24.56 -8.41
CA GLY B 361 10.04 23.28 -9.07
C GLY B 361 8.74 22.67 -9.59
N LEU B 362 8.84 21.95 -10.70
CA LEU B 362 7.71 21.26 -11.31
C LEU B 362 7.92 19.75 -11.22
N LEU B 363 6.81 19.03 -11.09
CA LEU B 363 6.84 17.56 -11.18
C LEU B 363 5.58 17.15 -11.94
N LEU B 364 5.76 16.57 -13.10
CA LEU B 364 4.66 16.20 -13.97
C LEU B 364 4.36 14.72 -13.83
N ASP B 365 3.09 14.40 -13.56
CA ASP B 365 2.61 13.03 -13.38
C ASP B 365 1.46 12.84 -14.39
N GLY B 366 1.80 12.51 -15.63
CA GLY B 366 0.78 12.38 -16.65
C GLY B 366 0.27 13.74 -17.09
N ARG B 367 -0.99 14.02 -16.78
CA ARG B 367 -1.58 15.34 -16.99
C ARG B 367 -1.82 16.06 -15.66
N THR B 368 -1.24 15.57 -14.57
CA THR B 368 -1.28 16.26 -13.28
C THR B 368 0.11 16.85 -13.06
N LEU B 369 0.15 18.15 -12.80
CA LEU B 369 1.41 18.87 -12.63
C LEU B 369 1.45 19.39 -11.20
N TYR B 370 2.49 19.02 -10.45
CA TYR B 370 2.69 19.58 -9.12
C TYR B 370 3.69 20.73 -9.21
N VAL B 371 3.44 21.78 -8.44
CA VAL B 371 4.17 23.05 -8.50
C VAL B 371 4.50 23.48 -7.08
N ALA B 372 5.78 23.57 -6.74
CA ALA B 372 6.13 24.09 -5.43
C ALA B 372 6.02 25.62 -5.51
N ARG B 373 5.23 26.23 -4.63
CA ARG B 373 5.11 27.68 -4.60
C ARG B 373 5.84 28.16 -3.35
N ASN B 374 7.04 28.74 -3.54
CA ASN B 374 7.97 28.79 -2.41
C ASN B 374 7.52 29.81 -1.36
N LYS B 375 7.34 31.09 -1.75
CA LYS B 375 6.88 32.08 -0.77
C LYS B 375 5.53 31.70 -0.15
N ASP B 376 4.65 31.06 -0.93
CA ASP B 376 3.31 30.73 -0.46
C ASP B 376 3.26 29.48 0.40
N GLN B 377 4.35 28.73 0.51
CA GLN B 377 4.42 27.58 1.43
C GLN B 377 3.38 26.51 1.09
N VAL B 378 3.16 26.27 -0.20
CA VAL B 378 2.27 25.20 -0.62
C VAL B 378 2.84 24.45 -1.82
N VAL B 379 2.33 23.25 -2.01
CA VAL B 379 2.52 22.49 -3.23
C VAL B 379 1.19 22.56 -3.98
N ALA B 380 1.20 23.23 -5.13
CA ALA B 380 0.00 23.37 -5.94
C ALA B 380 -0.16 22.17 -6.85
N LYS B 381 -1.42 21.82 -7.13
CA LYS B 381 -1.76 20.76 -8.07
C LYS B 381 -2.50 21.40 -9.24
N VAL B 382 -2.03 21.13 -10.45
CA VAL B 382 -2.61 21.68 -11.68
C VAL B 382 -3.06 20.51 -12.54
N SER B 383 -4.28 20.58 -13.07
CA SER B 383 -4.75 19.59 -14.02
C SER B 383 -4.62 20.16 -15.42
N LEU B 384 -3.96 19.43 -16.30
CA LEU B 384 -3.66 19.88 -17.65
C LEU B 384 -4.57 19.19 -18.66
N SER B 385 -4.86 19.90 -19.75
CA SER B 385 -5.61 19.31 -20.85
C SER B 385 -4.74 18.32 -21.62
N ALA B 386 -5.38 17.55 -22.50
CA ALA B 386 -4.68 16.45 -23.14
C ALA B 386 -3.52 16.94 -24.03
N ASP B 387 -3.66 18.11 -24.64
CA ASP B 387 -2.59 18.68 -25.45
C ASP B 387 -1.70 19.65 -24.67
N TYR B 388 -1.85 19.71 -23.35
CA TYR B 388 -1.05 20.54 -22.47
C TYR B 388 -1.18 22.03 -22.78
N GLY B 389 -2.22 22.42 -23.51
CA GLY B 389 -2.40 23.80 -23.91
C GLY B 389 -3.18 24.65 -22.95
N SER B 390 -3.81 24.02 -21.96
CA SER B 390 -4.56 24.73 -20.93
C SER B 390 -4.51 23.93 -19.64
N GLY B 391 -4.74 24.61 -18.53
CA GLY B 391 -4.64 23.96 -17.24
C GLY B 391 -5.40 24.72 -16.19
N GLN B 392 -5.72 24.01 -15.11
CA GLN B 392 -6.41 24.67 -14.02
C GLN B 392 -5.81 24.24 -12.69
N LEU B 393 -5.66 25.22 -11.79
CA LEU B 393 -5.22 25.00 -10.42
C LEU B 393 -6.35 24.39 -9.62
N VAL B 394 -6.16 23.16 -9.14
CA VAL B 394 -7.26 22.42 -8.53
C VAL B 394 -7.10 22.19 -7.02
N ALA B 395 -5.89 22.28 -6.48
CA ALA B 395 -5.68 22.13 -5.05
C ALA B 395 -4.34 22.80 -4.72
N GLN B 396 -4.22 23.26 -3.47
CA GLN B 396 -2.94 23.77 -2.97
C GLN B 396 -2.74 23.25 -1.54
N GLU B 397 -1.70 22.45 -1.35
CA GLU B 397 -1.49 21.72 -0.13
C GLU B 397 -0.45 22.41 0.74
N PRO B 398 -0.78 22.81 1.96
CA PRO B 398 0.24 23.25 2.91
C PRO B 398 0.88 22.12 3.70
N LEU B 399 0.45 20.87 3.50
CA LEU B 399 0.96 19.67 4.18
C LEU B 399 0.91 19.91 5.69
N ASN B 400 2.01 19.73 6.43
CA ASN B 400 2.04 20.07 7.85
C ASN B 400 2.98 21.24 8.09
N GLY B 401 2.97 22.21 7.18
CA GLY B 401 3.78 23.40 7.30
C GLY B 401 5.04 23.22 6.49
N LEU B 402 5.34 24.18 5.62
CA LEU B 402 6.48 24.13 4.73
C LEU B 402 7.21 25.46 4.82
N ARG B 403 8.54 25.43 4.69
CA ARG B 403 9.35 26.65 4.78
C ARG B 403 10.07 26.82 3.45
N PHE B 404 9.53 27.70 2.60
CA PHE B 404 10.05 27.96 1.27
C PHE B 404 10.25 26.66 0.49
N PRO B 405 9.16 25.90 0.22
CA PRO B 405 9.29 24.66 -0.57
C PRO B 405 9.78 24.97 -1.98
N ALA B 406 10.80 24.25 -2.43
CA ALA B 406 11.49 24.61 -3.67
C ALA B 406 11.32 23.62 -4.81
N THR B 407 11.60 22.33 -4.58
N THR B 407 11.69 22.35 -4.62
CA THR B 407 11.69 21.36 -5.65
CA THR B 407 11.58 21.40 -5.73
C THR B 407 11.04 20.04 -5.22
C THR B 407 10.95 20.10 -5.24
N LEU B 408 10.56 19.28 -6.21
CA LEU B 408 9.80 18.07 -6.00
C LEU B 408 10.45 16.90 -6.72
N ALA B 409 10.29 15.71 -6.15
CA ALA B 409 10.67 14.48 -6.85
C ALA B 409 9.71 13.37 -6.45
N LYS B 410 9.60 12.35 -7.31
CA LYS B 410 8.88 11.14 -6.92
C LYS B 410 9.78 10.22 -6.13
N VAL B 411 9.25 9.64 -5.07
CA VAL B 411 9.96 8.63 -4.29
C VAL B 411 8.99 7.46 -4.10
N GLY B 412 9.26 6.36 -4.81
CA GLY B 412 8.32 5.24 -4.81
C GLY B 412 6.98 5.73 -5.31
N ASN B 413 5.94 5.52 -4.51
CA ASN B 413 4.61 6.01 -4.88
C ASN B 413 4.32 7.39 -4.31
N ASP B 414 5.28 8.03 -3.61
CA ASP B 414 5.08 9.30 -2.91
C ASP B 414 5.77 10.45 -3.64
N LEU B 415 5.65 11.64 -3.06
CA LEU B 415 6.39 12.81 -3.47
C LEU B 415 7.27 13.27 -2.31
N VAL B 416 8.35 13.97 -2.64
CA VAL B 416 9.19 14.61 -1.61
C VAL B 416 9.45 16.04 -2.05
N VAL B 417 9.43 16.97 -1.09
CA VAL B 417 9.63 18.38 -1.39
C VAL B 417 10.76 18.88 -0.49
N THR B 418 11.59 19.77 -1.01
CA THR B 418 12.62 20.39 -0.19
C THR B 418 12.05 21.61 0.50
N GLN B 419 12.37 21.78 1.79
CA GLN B 419 12.06 23.03 2.50
C GLN B 419 13.34 23.85 2.49
N ALA B 420 13.54 24.62 1.42
CA ALA B 420 14.84 25.23 1.15
C ALA B 420 15.13 26.41 2.05
N GLN B 421 14.10 27.06 2.59
CA GLN B 421 14.26 28.30 3.36
C GLN B 421 15.19 29.28 2.64
N LEU B 422 15.06 29.39 1.31
CA LEU B 422 15.97 30.25 0.56
C LEU B 422 15.78 31.73 0.89
N ASP B 423 14.61 32.11 1.40
CA ASP B 423 14.40 33.47 1.87
C ASP B 423 15.23 33.80 3.10
N ARG B 424 15.84 32.80 3.73
CA ARG B 424 16.68 32.94 4.90
C ARG B 424 18.17 32.76 4.59
N ILE B 425 18.55 32.63 3.32
CA ILE B 425 19.96 32.40 3.02
C ILE B 425 20.72 33.68 3.36
N GLY B 426 21.82 33.55 4.10
CA GLY B 426 22.47 34.72 4.68
C GLY B 426 21.80 35.27 5.91
N GLY B 427 20.72 34.66 6.38
CA GLY B 427 19.98 35.11 7.54
C GLY B 427 19.93 34.02 8.58
N THR B 428 18.76 33.83 9.21
CA THR B 428 18.59 32.95 10.37
C THR B 428 17.56 31.89 10.01
N PRO B 429 17.95 30.83 9.31
CA PRO B 429 17.00 29.74 9.02
C PRO B 429 16.62 28.95 10.27
N GLU B 430 15.46 28.28 10.21
CA GLU B 430 15.10 27.35 11.28
C GLU B 430 15.83 26.05 11.04
N THR B 431 16.35 25.45 12.10
CA THR B 431 17.07 24.21 11.90
C THR B 431 16.43 23.13 12.76
N PRO B 432 16.58 21.85 12.38
CA PRO B 432 17.27 21.36 11.18
C PRO B 432 16.52 21.63 9.90
N PHE B 433 17.30 21.76 8.82
CA PHE B 433 16.74 21.73 7.49
C PHE B 433 16.09 20.38 7.22
N LYS B 434 15.05 20.38 6.40
CA LYS B 434 14.25 19.19 6.19
C LYS B 434 13.80 19.02 4.75
N LEU B 435 13.63 17.76 4.36
CA LEU B 435 12.85 17.32 3.21
C LEU B 435 11.59 16.65 3.75
N THR B 436 10.48 16.77 3.03
CA THR B 436 9.21 16.25 3.53
C THR B 436 8.61 15.33 2.48
N ARG B 437 8.27 14.11 2.90
CA ARG B 437 7.71 13.09 2.02
C ARG B 437 6.22 12.93 2.30
N PHE B 438 5.41 12.85 1.23
CA PHE B 438 3.96 12.93 1.36
C PHE B 438 3.29 12.22 0.20
N ALA B 439 2.04 11.83 0.42
CA ALA B 439 1.31 11.12 -0.63
C ALA B 439 0.95 12.06 -1.78
N LYS B 440 0.91 11.50 -3.00
CA LYS B 440 0.34 12.26 -4.10
C LYS B 440 -1.10 12.62 -3.77
N PHE B 441 -1.52 13.78 -4.24
CA PHE B 441 -2.88 14.22 -3.97
C PHE B 441 -3.46 14.82 -5.25
CU CU C . 2.38 -43.48 15.11
C1 GOL D . -22.30 -24.92 7.22
O1 GOL D . -23.36 -25.54 6.48
C2 GOL D . -22.35 -25.10 8.71
O2 GOL D . -22.03 -26.44 9.07
C3 GOL D . -21.25 -24.19 9.20
O3 GOL D . -21.76 -23.28 10.12
CU CU E . 3.61 34.79 23.87
#